data_6T4H
#
_entry.id   6T4H
#
_cell.length_a   82.94
_cell.length_b   96.84
_cell.length_c   114.68
_cell.angle_alpha   90.00
_cell.angle_beta   90.00
_cell.angle_gamma   90.00
#
_symmetry.space_group_name_H-M   'P 21 21 21'
#
loop_
_entity.id
_entity.type
_entity.pdbx_description
1 polymer 'Protein translocase subunit SecA 2'
2 non-polymer 'PHOSPHOTHIOPHOSPHORIC ACID-ADENYLATE ESTER'
3 water water
#
_entity_poly.entity_id   1
_entity_poly.type   'polypeptide(L)'
_entity_poly.pdbx_seq_one_letter_code
;MSVIDSILDKADEQEIKKLNVIVDKIDALEDSMKNLSYEELKDMTAIFKNRLKKGETLDDILPEAFAVVREVSKRKLGMR
QYRVQLIGGIVIHQGKIAEMKTGEGKTLVEVAPVYLNALTGKGVHVITVNDYLAERDKELMSPVYESLGMTVGVIISNQD
PNIRKQQYKCDITYGTNSEFGFDYLRDNMVPDLSHKVQRELNFAIVDEVDSILIDEARTPLIIAGDGDEDLKLYELANSF
VKTVKEEDFELDRKDKTIALTASGISKAESFFGITNLTDIKNIELYHHINQALRGHKLMEKDVDYVISNGEVMIVDEFTG
RVMDGRRYTDGLHQAIEAKEGVEIKNESKTMATVTYQNFFRLYEKLSGMTGTAKTEEGEFESIYKLNVVQIPTNRPVIRA
DLHDKVFKTEEEKYSAVVEEIIRIHKTRQPILVGTVSVEKSEKLSKMLKKQGIKHQVLNAKQHDKEAEIISKAGKLDAIT
IATNMAGRGTDISLGAGDKEEEQEVKDLGGLYVIGTERHESRRIDNQLRGRSGRQGDPGTSRFFVSLEDDVIKLYGGKTI
EKLMKRTSSNENTAIESKALTRAIERAQKGVEGKNFEIRKNVLKYDDTINEQRKVIYNERNKVLNDEDIQEDIQKMVKDI
IQEAGETYLIGRKRDYYGYFKHLYSTFMPADTLLIPGVDKKSVQEIIDSTYEISKRVYDLKKMMLGIDKVAELEKTVLLK
VVDQYWIDHIDAMEQLKQYIGLKSYAQKDPFKEYALEGYDMFEALNKNIREATVQYLYKFN
;
_entity_poly.pdbx_strand_id   A
#
loop_
_chem_comp.id
_chem_comp.type
_chem_comp.name
_chem_comp.formula
AGS non-polymer 'PHOSPHOTHIOPHOSPHORIC ACID-ADENYLATE ESTER' 'C10 H16 N5 O12 P3 S'
#
# COMPACT_ATOMS: atom_id res chain seq x y z
N ALA A 11 -18.59 28.96 -7.58
CA ALA A 11 -18.08 27.61 -7.34
C ALA A 11 -17.51 27.01 -8.61
N ASP A 12 -16.17 27.07 -8.78
CA ASP A 12 -15.44 26.55 -9.94
C ASP A 12 -16.12 26.84 -11.28
N GLU A 13 -16.92 27.92 -11.31
CA GLU A 13 -17.65 28.36 -12.49
C GLU A 13 -16.88 28.34 -13.78
N GLN A 14 -15.83 29.17 -13.88
CA GLN A 14 -15.08 29.16 -15.12
C GLN A 14 -14.32 27.89 -15.38
N GLU A 15 -13.88 27.17 -14.34
CA GLU A 15 -13.15 25.93 -14.60
C GLU A 15 -14.08 25.01 -15.37
N ILE A 16 -15.35 25.00 -14.96
CA ILE A 16 -16.36 24.17 -15.61
C ILE A 16 -16.71 24.83 -16.96
N LYS A 17 -16.87 26.17 -16.96
CA LYS A 17 -17.21 26.93 -18.17
C LYS A 17 -16.21 26.67 -19.30
N LYS A 18 -14.90 26.80 -19.04
CA LYS A 18 -13.91 26.54 -20.09
C LYS A 18 -14.05 25.07 -20.50
N LEU A 19 -14.26 24.17 -19.52
CA LEU A 19 -14.40 22.76 -19.77
C LEU A 19 -15.54 22.56 -20.70
N ASN A 20 -16.59 23.36 -20.51
CA ASN A 20 -17.78 23.27 -21.34
C ASN A 20 -17.47 23.48 -22.78
N VAL A 21 -16.41 24.31 -23.10
CA VAL A 21 -16.07 24.55 -24.53
C VAL A 21 -15.62 23.24 -25.16
N ILE A 22 -14.93 22.41 -24.37
CA ILE A 22 -14.48 21.14 -24.90
C ILE A 22 -15.70 20.33 -25.24
N VAL A 23 -16.64 20.19 -24.30
CA VAL A 23 -17.81 19.40 -24.64
C VAL A 23 -18.60 20.02 -25.79
N ASP A 24 -18.62 21.36 -25.88
CA ASP A 24 -19.35 22.02 -26.96
C ASP A 24 -18.93 21.44 -28.31
N LYS A 25 -17.59 21.27 -28.51
CA LYS A 25 -17.03 20.73 -29.75
C LYS A 25 -17.44 19.30 -29.94
N ILE A 26 -17.27 18.48 -28.88
CA ILE A 26 -17.62 17.04 -28.92
C ILE A 26 -18.99 16.86 -29.53
N ASP A 27 -19.94 17.74 -29.09
CA ASP A 27 -21.34 17.73 -29.56
C ASP A 27 -21.50 17.94 -31.07
N ALA A 28 -20.81 18.97 -31.65
CA ALA A 28 -20.90 19.27 -33.08
C ALA A 28 -20.48 18.09 -33.94
N LEU A 29 -19.46 17.38 -33.48
CA LEU A 29 -18.92 16.20 -34.17
C LEU A 29 -19.87 15.03 -34.29
N GLU A 30 -20.59 14.74 -33.21
CA GLU A 30 -21.57 13.65 -33.09
C GLU A 30 -22.24 13.15 -34.36
N ASP A 31 -22.99 14.02 -35.05
CA ASP A 31 -23.68 13.67 -36.28
C ASP A 31 -22.86 13.05 -37.37
N SER A 32 -21.63 13.51 -37.55
CA SER A 32 -20.77 12.95 -38.60
C SER A 32 -20.50 11.46 -38.37
N MET A 33 -20.18 11.09 -37.12
CA MET A 33 -19.89 9.70 -36.73
C MET A 33 -21.12 8.81 -36.73
N LYS A 34 -22.30 9.43 -36.68
CA LYS A 34 -23.59 8.75 -36.67
C LYS A 34 -23.77 7.87 -37.90
N ASN A 35 -23.29 8.35 -39.05
CA ASN A 35 -23.40 7.60 -40.30
C ASN A 35 -22.51 6.38 -40.38
N LEU A 36 -21.40 6.41 -39.66
CA LEU A 36 -20.42 5.33 -39.61
C LEU A 36 -20.83 3.96 -39.13
N SER A 37 -20.28 2.93 -39.80
CA SER A 37 -20.54 1.54 -39.47
C SER A 37 -19.79 1.16 -38.21
N TYR A 38 -19.87 -0.11 -37.81
CA TYR A 38 -19.15 -0.53 -36.61
C TYR A 38 -17.64 -0.52 -36.83
N GLU A 39 -17.18 -1.02 -38.01
CA GLU A 39 -15.77 -1.08 -38.33
C GLU A 39 -15.21 0.31 -38.65
N GLU A 40 -15.95 1.16 -39.39
CA GLU A 40 -15.44 2.50 -39.69
C GLU A 40 -15.05 3.15 -38.36
N LEU A 41 -15.66 2.68 -37.27
CA LEU A 41 -15.38 3.22 -35.94
C LEU A 41 -14.14 2.58 -35.31
N LYS A 42 -14.04 1.23 -35.34
CA LYS A 42 -12.90 0.48 -34.77
C LYS A 42 -11.66 1.03 -35.43
N ASP A 43 -11.72 1.11 -36.78
CA ASP A 43 -10.63 1.61 -37.62
C ASP A 43 -10.05 2.88 -37.04
N MET A 44 -10.91 3.73 -36.50
CA MET A 44 -10.47 4.97 -35.89
C MET A 44 -9.40 4.83 -34.80
N THR A 45 -9.35 3.69 -34.08
CA THR A 45 -8.34 3.53 -33.04
C THR A 45 -6.95 3.66 -33.61
N ALA A 46 -6.75 3.09 -34.82
CA ALA A 46 -5.51 3.08 -35.59
C ALA A 46 -5.25 4.46 -36.08
N ILE A 47 -6.23 5.06 -36.77
CA ILE A 47 -6.14 6.40 -37.31
C ILE A 47 -5.60 7.24 -36.20
N PHE A 48 -6.12 7.02 -34.99
CA PHE A 48 -5.67 7.79 -33.85
C PHE A 48 -4.23 7.62 -33.55
N LYS A 49 -3.85 6.35 -33.33
CA LYS A 49 -2.49 5.97 -33.02
C LYS A 49 -1.47 6.59 -33.99
N ASN A 50 -1.68 6.40 -35.31
CA ASN A 50 -0.82 6.92 -36.35
C ASN A 50 -0.72 8.44 -36.32
N ARG A 51 -1.83 9.12 -35.97
CA ARG A 51 -1.83 10.58 -35.93
C ARG A 51 -0.91 11.04 -34.81
N LEU A 52 -0.97 10.31 -33.68
CA LEU A 52 -0.14 10.62 -32.51
C LEU A 52 1.35 10.63 -32.85
N LYS A 53 1.76 9.76 -33.80
CA LYS A 53 3.16 9.67 -34.21
C LYS A 53 3.49 10.80 -35.17
N LYS A 54 2.55 11.12 -36.06
CA LYS A 54 2.74 12.18 -37.04
C LYS A 54 2.76 13.57 -36.37
N GLY A 55 2.06 13.72 -35.24
CA GLY A 55 2.04 15.01 -34.57
C GLY A 55 1.23 15.13 -33.28
N GLU A 56 0.02 15.67 -33.40
CA GLU A 56 -0.98 15.90 -32.34
C GLU A 56 -0.80 15.26 -30.97
N THR A 57 -1.14 16.03 -29.91
CA THR A 57 -1.06 15.57 -28.51
C THR A 57 -2.30 14.74 -28.16
N LEU A 58 -2.32 14.11 -26.97
CA LEU A 58 -3.48 13.33 -26.62
C LEU A 58 -4.65 14.26 -26.50
N ASP A 59 -4.31 15.48 -26.06
CA ASP A 59 -5.24 16.59 -25.86
C ASP A 59 -5.76 17.13 -27.19
N ASP A 60 -4.90 17.18 -28.23
CA ASP A 60 -5.34 17.69 -29.53
C ASP A 60 -6.43 16.80 -30.15
N ILE A 61 -6.46 15.53 -29.73
CA ILE A 61 -7.42 14.55 -30.21
C ILE A 61 -8.75 14.55 -29.44
N LEU A 62 -8.68 14.81 -28.12
CA LEU A 62 -9.81 14.88 -27.20
C LEU A 62 -11.25 14.99 -27.76
N PRO A 63 -11.58 16.00 -28.58
CA PRO A 63 -12.97 16.02 -29.06
C PRO A 63 -13.42 14.78 -29.82
N GLU A 64 -12.66 14.38 -30.85
CA GLU A 64 -13.03 13.21 -31.64
C GLU A 64 -12.94 11.92 -30.84
N ALA A 65 -11.90 11.82 -30.03
CA ALA A 65 -11.66 10.66 -29.20
C ALA A 65 -12.83 10.38 -28.31
N PHE A 66 -13.27 11.39 -27.57
CA PHE A 66 -14.41 11.18 -26.68
C PHE A 66 -15.66 11.02 -27.56
N ALA A 67 -15.77 11.79 -28.61
CA ALA A 67 -16.94 11.62 -29.45
C ALA A 67 -17.05 10.17 -29.93
N VAL A 68 -15.97 9.52 -30.18
CA VAL A 68 -16.05 8.14 -30.64
C VAL A 68 -16.49 7.19 -29.56
N VAL A 69 -16.21 7.57 -28.31
CA VAL A 69 -16.60 6.73 -27.21
C VAL A 69 -18.07 7.00 -26.99
N ARG A 70 -18.53 8.22 -27.34
CA ARG A 70 -19.92 8.55 -27.17
C ARG A 70 -20.80 7.64 -27.97
N GLU A 71 -20.61 7.57 -29.31
CA GLU A 71 -21.46 6.71 -30.10
C GLU A 71 -21.27 5.24 -29.93
N VAL A 72 -20.05 4.80 -29.65
CA VAL A 72 -19.82 3.39 -29.46
C VAL A 72 -20.53 3.01 -28.15
N SER A 73 -20.47 3.92 -27.13
CA SER A 73 -21.12 3.68 -25.84
C SER A 73 -22.66 3.69 -26.06
N LYS A 74 -23.09 4.73 -26.78
CA LYS A 74 -24.44 5.07 -27.18
C LYS A 74 -25.04 3.95 -28.02
N ARG A 75 -24.26 2.90 -28.31
CA ARG A 75 -24.76 1.78 -29.11
C ARG A 75 -24.64 0.41 -28.41
N LYS A 76 -23.44 0.11 -27.86
CA LYS A 76 -23.21 -1.17 -27.19
C LYS A 76 -23.73 -1.29 -25.77
N LEU A 77 -24.05 -0.16 -25.12
CA LEU A 77 -24.58 -0.25 -23.76
C LEU A 77 -25.83 0.69 -23.62
N GLY A 78 -26.04 1.54 -24.67
CA GLY A 78 -27.15 2.48 -24.71
C GLY A 78 -26.76 3.78 -24.02
N MET A 79 -25.98 3.67 -22.99
CA MET A 79 -25.54 4.82 -22.25
C MET A 79 -24.93 5.91 -23.07
N ARG A 80 -25.75 6.70 -23.71
CA ARG A 80 -25.19 7.76 -24.50
C ARG A 80 -24.54 8.67 -23.39
N GLN A 81 -23.69 9.62 -23.71
CA GLN A 81 -23.14 10.39 -22.61
C GLN A 81 -23.64 11.76 -22.43
N TYR A 82 -23.88 12.18 -21.17
CA TYR A 82 -24.37 13.53 -20.97
C TYR A 82 -23.25 14.45 -20.64
N ARG A 83 -23.35 15.69 -21.09
CA ARG A 83 -22.36 16.70 -20.86
C ARG A 83 -21.63 16.58 -19.54
N VAL A 84 -22.36 16.47 -18.43
CA VAL A 84 -21.71 16.36 -17.12
C VAL A 84 -20.82 15.14 -17.10
N GLN A 85 -21.24 14.06 -17.78
CA GLN A 85 -20.44 12.86 -17.80
C GLN A 85 -19.23 13.04 -18.72
N LEU A 86 -19.27 14.10 -19.55
CA LEU A 86 -18.23 14.44 -20.51
C LEU A 86 -17.23 15.32 -19.81
N ILE A 87 -17.75 16.30 -19.10
CA ILE A 87 -16.96 17.28 -18.36
C ILE A 87 -16.05 16.57 -17.43
N GLY A 88 -16.62 15.56 -16.76
CA GLY A 88 -15.88 14.76 -15.80
C GLY A 88 -14.85 13.92 -16.48
N GLY A 89 -15.22 13.46 -17.69
CA GLY A 89 -14.31 12.64 -18.48
C GLY A 89 -13.06 13.47 -18.78
N ILE A 90 -13.27 14.73 -19.28
CA ILE A 90 -12.19 15.62 -19.61
C ILE A 90 -11.36 15.85 -18.37
N VAL A 91 -12.04 16.04 -17.29
CA VAL A 91 -11.39 16.29 -16.02
C VAL A 91 -10.44 15.19 -15.56
N ILE A 92 -10.78 13.90 -15.76
CA ILE A 92 -9.93 12.80 -15.35
C ILE A 92 -8.70 12.88 -16.20
N HIS A 93 -8.90 13.07 -17.52
CA HIS A 93 -7.77 13.17 -18.42
C HIS A 93 -6.85 14.33 -18.03
N GLN A 94 -7.42 15.42 -17.49
CA GLN A 94 -6.63 16.57 -17.07
C GLN A 94 -5.86 16.24 -15.81
N GLY A 95 -5.98 15.00 -15.34
CA GLY A 95 -5.27 14.57 -14.13
C GLY A 95 -5.79 14.97 -12.77
N LYS A 96 -7.11 15.29 -12.62
CA LYS A 96 -7.59 15.67 -11.31
C LYS A 96 -8.63 14.71 -10.74
N ILE A 97 -9.48 15.26 -9.84
CA ILE A 97 -10.53 14.48 -9.21
C ILE A 97 -11.78 14.80 -9.93
N ALA A 98 -12.73 13.87 -10.02
CA ALA A 98 -13.95 14.27 -10.75
C ALA A 98 -15.15 14.20 -9.79
N GLU A 99 -15.32 15.19 -8.88
CA GLU A 99 -16.44 15.16 -7.95
C GLU A 99 -17.85 15.22 -8.52
N MET A 100 -18.46 14.03 -8.61
CA MET A 100 -19.81 13.80 -9.12
C MET A 100 -20.58 13.17 -7.97
N LYS A 101 -21.90 13.39 -7.85
CA LYS A 101 -22.54 12.75 -6.70
C LYS A 101 -23.04 11.31 -6.93
N THR A 102 -23.33 10.52 -5.85
CA THR A 102 -23.79 9.16 -6.11
C THR A 102 -24.82 9.04 -7.17
N GLY A 103 -24.72 7.97 -7.94
CA GLY A 103 -25.64 7.70 -9.03
C GLY A 103 -25.37 8.57 -10.23
N GLU A 104 -24.35 9.47 -10.18
CA GLU A 104 -24.14 10.30 -11.37
C GLU A 104 -23.54 9.58 -12.58
N GLY A 105 -23.20 8.26 -12.44
CA GLY A 105 -22.63 7.54 -13.56
C GLY A 105 -21.12 7.52 -13.72
N LYS A 106 -20.42 7.62 -12.60
CA LYS A 106 -18.97 7.62 -12.62
C LYS A 106 -18.36 6.42 -13.40
N THR A 107 -18.87 5.18 -13.19
CA THR A 107 -18.34 4.03 -13.90
C THR A 107 -18.23 4.42 -15.34
N LEU A 108 -19.24 5.02 -15.90
CA LEU A 108 -19.07 5.38 -17.30
C LEU A 108 -18.25 6.67 -17.48
N VAL A 109 -18.18 7.55 -16.49
CA VAL A 109 -17.37 8.74 -16.75
C VAL A 109 -15.93 8.35 -17.15
N GLU A 110 -15.51 7.11 -16.75
CA GLU A 110 -14.17 6.66 -17.06
C GLU A 110 -13.89 6.17 -18.52
N VAL A 111 -14.84 5.48 -19.18
CA VAL A 111 -14.60 5.01 -20.55
C VAL A 111 -13.79 5.98 -21.46
N ALA A 112 -14.36 7.20 -21.79
CA ALA A 112 -13.74 8.27 -22.64
C ALA A 112 -12.30 8.55 -22.29
N PRO A 113 -12.01 8.78 -21.02
CA PRO A 113 -10.62 9.05 -20.62
C PRO A 113 -9.73 7.80 -20.80
N VAL A 114 -10.11 6.53 -20.32
CA VAL A 114 -9.21 5.39 -20.55
C VAL A 114 -8.85 5.39 -22.04
N TYR A 115 -9.83 5.13 -22.90
CA TYR A 115 -9.56 5.09 -24.31
C TYR A 115 -8.55 6.09 -24.78
N LEU A 116 -8.78 7.39 -24.55
CA LEU A 116 -7.87 8.41 -24.96
C LEU A 116 -6.42 8.08 -24.62
N ASN A 117 -6.14 7.85 -23.34
CA ASN A 117 -4.82 7.53 -22.84
C ASN A 117 -4.31 6.15 -23.21
N ALA A 118 -5.20 5.21 -23.46
CA ALA A 118 -4.79 3.86 -23.81
C ALA A 118 -4.22 3.77 -25.24
N LEU A 119 -4.38 4.85 -26.03
CA LEU A 119 -3.88 4.89 -27.41
C LEU A 119 -2.35 4.84 -27.50
N THR A 120 -1.66 5.12 -26.38
CA THR A 120 -0.22 5.12 -26.28
C THR A 120 0.36 3.70 -26.11
N GLY A 121 -0.50 2.68 -25.91
CA GLY A 121 -0.01 1.32 -25.73
C GLY A 121 0.63 1.14 -24.37
N LYS A 122 0.77 2.22 -23.61
CA LYS A 122 1.37 2.22 -22.28
C LYS A 122 0.62 1.40 -21.24
N GLY A 123 -0.71 1.58 -21.16
CA GLY A 123 -1.50 0.83 -20.20
C GLY A 123 -2.13 1.71 -19.14
N VAL A 124 -3.48 1.81 -19.18
CA VAL A 124 -4.21 2.62 -18.22
C VAL A 124 -4.63 1.77 -17.01
N HIS A 125 -4.82 2.41 -15.86
CA HIS A 125 -5.22 1.70 -14.65
C HIS A 125 -6.49 2.20 -13.99
N VAL A 126 -7.47 1.32 -13.79
CA VAL A 126 -8.73 1.71 -13.16
C VAL A 126 -8.88 0.94 -11.85
N ILE A 127 -8.63 1.63 -10.73
CA ILE A 127 -8.72 1.06 -9.40
C ILE A 127 -10.09 1.24 -8.74
N THR A 128 -10.59 0.16 -8.11
CA THR A 128 -11.88 0.18 -7.44
C THR A 128 -11.70 -0.17 -5.97
N VAL A 129 -12.79 -0.10 -5.18
CA VAL A 129 -12.70 -0.41 -3.75
C VAL A 129 -12.60 -1.88 -3.45
N ASN A 130 -13.03 -2.73 -4.39
CA ASN A 130 -12.93 -4.17 -4.14
C ASN A 130 -12.96 -5.03 -5.42
N ASP A 131 -12.68 -6.35 -5.26
CA ASP A 131 -12.67 -7.30 -6.36
C ASP A 131 -13.91 -7.19 -7.25
N TYR A 132 -15.07 -7.40 -6.63
CA TYR A 132 -16.37 -7.34 -7.29
C TYR A 132 -16.51 -6.07 -8.07
N LEU A 133 -16.33 -4.93 -7.43
CA LEU A 133 -16.45 -3.65 -8.13
C LEU A 133 -15.59 -3.50 -9.36
N ALA A 134 -14.42 -4.10 -9.35
CA ALA A 134 -13.50 -4.05 -10.47
C ALA A 134 -13.95 -5.06 -11.57
N GLU A 135 -14.18 -6.35 -11.19
CA GLU A 135 -14.60 -7.35 -12.18
C GLU A 135 -15.89 -6.93 -12.89
N ARG A 136 -16.84 -6.39 -12.13
CA ARG A 136 -18.11 -5.94 -12.65
C ARG A 136 -17.88 -4.75 -13.53
N ASP A 137 -17.08 -3.78 -13.05
CA ASP A 137 -16.80 -2.58 -13.84
C ASP A 137 -16.19 -2.94 -15.18
N LYS A 138 -15.23 -3.88 -15.19
CA LYS A 138 -14.61 -4.24 -16.46
C LYS A 138 -15.59 -4.99 -17.35
N GLU A 139 -16.35 -5.92 -16.79
CA GLU A 139 -17.30 -6.69 -17.57
C GLU A 139 -18.33 -5.81 -18.26
N LEU A 140 -18.70 -4.71 -17.61
CA LEU A 140 -19.69 -3.79 -18.17
C LEU A 140 -19.15 -2.97 -19.27
N MET A 141 -18.02 -2.29 -19.04
CA MET A 141 -17.48 -1.48 -20.13
C MET A 141 -16.59 -2.14 -21.18
N SER A 142 -16.28 -3.43 -21.00
CA SER A 142 -15.46 -4.15 -21.94
C SER A 142 -16.11 -4.09 -23.32
N PRO A 143 -17.44 -4.25 -23.41
CA PRO A 143 -17.99 -4.20 -24.76
C PRO A 143 -17.65 -2.92 -25.41
N VAL A 144 -17.36 -1.87 -24.66
CA VAL A 144 -17.02 -0.63 -25.34
C VAL A 144 -15.56 -0.69 -25.76
N TYR A 145 -14.70 -1.08 -24.83
CA TYR A 145 -13.27 -1.19 -25.09
C TYR A 145 -13.04 -2.19 -26.30
N GLU A 146 -13.38 -3.50 -26.10
CA GLU A 146 -13.23 -4.51 -27.11
C GLU A 146 -13.68 -3.96 -28.50
N SER A 147 -14.93 -3.46 -28.61
CA SER A 147 -15.52 -2.91 -29.84
C SER A 147 -14.64 -1.91 -30.47
N LEU A 148 -13.73 -1.34 -29.70
CA LEU A 148 -12.85 -0.35 -30.29
C LEU A 148 -11.37 -0.75 -30.52
N GLY A 149 -11.10 -2.05 -30.46
CA GLY A 149 -9.75 -2.50 -30.67
C GLY A 149 -8.79 -2.27 -29.54
N MET A 150 -9.20 -2.67 -28.35
CA MET A 150 -8.40 -2.54 -27.14
C MET A 150 -8.74 -3.75 -26.35
N THR A 151 -8.00 -4.02 -25.29
CA THR A 151 -8.27 -5.19 -24.48
C THR A 151 -8.32 -4.81 -23.02
N VAL A 152 -9.05 -5.58 -22.22
CA VAL A 152 -9.13 -5.26 -20.81
C VAL A 152 -8.89 -6.48 -19.92
N GLY A 153 -8.31 -6.24 -18.74
CA GLY A 153 -8.03 -7.31 -17.80
C GLY A 153 -8.25 -6.78 -16.41
N VAL A 154 -8.51 -7.69 -15.47
CA VAL A 154 -8.74 -7.27 -14.10
C VAL A 154 -7.93 -8.12 -13.15
N ILE A 155 -7.31 -7.46 -12.20
CA ILE A 155 -6.49 -8.12 -11.20
C ILE A 155 -7.25 -8.45 -9.95
N ILE A 156 -7.65 -9.70 -9.83
CA ILE A 156 -8.40 -10.23 -8.68
C ILE A 156 -7.45 -10.92 -7.69
N SER A 157 -7.92 -11.19 -6.46
CA SER A 157 -7.11 -11.85 -5.43
C SER A 157 -6.78 -13.32 -5.77
N ASN A 158 -5.69 -13.84 -5.17
CA ASN A 158 -5.24 -15.21 -5.39
C ASN A 158 -5.17 -15.59 -6.87
N GLN A 159 -4.73 -14.65 -7.70
CA GLN A 159 -4.61 -14.87 -9.14
C GLN A 159 -3.24 -15.37 -9.56
N ASP A 160 -3.17 -16.59 -10.14
CA ASP A 160 -1.91 -17.18 -10.58
C ASP A 160 -1.03 -16.24 -11.40
N PRO A 161 0.29 -16.36 -11.26
CA PRO A 161 1.20 -15.48 -12.02
C PRO A 161 0.92 -15.43 -13.52
N ASN A 162 0.80 -16.60 -14.17
CA ASN A 162 0.54 -16.65 -15.60
C ASN A 162 -0.57 -15.68 -16.00
N ILE A 163 -1.78 -15.85 -15.44
CA ILE A 163 -2.91 -14.97 -15.77
C ILE A 163 -2.62 -13.50 -15.39
N ARG A 164 -2.08 -13.32 -14.19
CA ARG A 164 -1.78 -12.03 -13.70
C ARG A 164 -0.92 -11.18 -14.65
N LYS A 165 0.06 -11.82 -15.34
CA LYS A 165 0.93 -11.13 -16.26
C LYS A 165 0.13 -10.62 -17.43
N GLN A 166 -0.67 -11.49 -18.01
CA GLN A 166 -1.51 -11.12 -19.14
C GLN A 166 -2.36 -9.86 -18.88
N GLN A 167 -2.93 -9.73 -17.66
CA GLN A 167 -3.75 -8.56 -17.37
C GLN A 167 -3.09 -7.19 -17.50
N TYR A 168 -1.84 -7.03 -16.97
CA TYR A 168 -1.16 -5.75 -17.09
C TYR A 168 -0.74 -5.54 -18.53
N LYS A 169 -0.62 -6.65 -19.27
CA LYS A 169 -0.23 -6.68 -20.66
C LYS A 169 -1.33 -6.01 -21.48
N CYS A 170 -2.60 -6.29 -21.13
CA CYS A 170 -3.73 -5.70 -21.84
C CYS A 170 -3.66 -4.17 -21.80
N ASP A 171 -4.38 -3.50 -22.70
CA ASP A 171 -4.40 -2.04 -22.77
C ASP A 171 -4.94 -1.39 -21.49
N ILE A 172 -6.11 -1.85 -21.04
CA ILE A 172 -6.78 -1.33 -19.85
C ILE A 172 -6.73 -2.39 -18.74
N THR A 173 -6.56 -1.97 -17.45
CA THR A 173 -6.51 -2.93 -16.34
C THR A 173 -7.32 -2.40 -15.14
N TYR A 174 -8.12 -3.28 -14.49
CA TYR A 174 -8.94 -2.92 -13.34
C TYR A 174 -8.61 -3.74 -12.12
N GLY A 175 -8.86 -3.21 -10.92
CA GLY A 175 -8.56 -3.99 -9.74
C GLY A 175 -8.63 -3.30 -8.40
N THR A 176 -8.62 -4.11 -7.34
CA THR A 176 -8.67 -3.63 -6.00
C THR A 176 -7.41 -2.82 -5.72
N ASN A 177 -7.53 -1.66 -5.06
CA ASN A 177 -6.34 -0.86 -4.75
C ASN A 177 -5.28 -1.74 -4.03
N SER A 178 -5.76 -2.67 -3.19
CA SER A 178 -4.91 -3.56 -2.44
C SER A 178 -4.02 -4.42 -3.30
N GLU A 179 -4.55 -4.97 -4.38
CA GLU A 179 -3.74 -5.80 -5.23
C GLU A 179 -2.78 -5.01 -6.10
N PHE A 180 -3.13 -3.80 -6.57
CA PHE A 180 -2.18 -3.06 -7.39
C PHE A 180 -0.96 -2.71 -6.59
N GLY A 181 -1.12 -2.16 -5.43
CA GLY A 181 0.04 -1.83 -4.65
C GLY A 181 0.69 -3.07 -4.11
N PHE A 182 -0.10 -4.17 -3.92
CA PHE A 182 0.44 -5.41 -3.40
C PHE A 182 1.34 -6.04 -4.42
N ASP A 183 0.81 -6.32 -5.62
CA ASP A 183 1.51 -6.92 -6.73
C ASP A 183 2.84 -6.30 -6.88
N TYR A 184 2.83 -4.98 -6.96
CA TYR A 184 4.00 -4.16 -7.09
C TYR A 184 5.10 -4.61 -6.12
N LEU A 185 4.76 -4.68 -4.85
CA LEU A 185 5.71 -5.09 -3.85
C LEU A 185 6.36 -6.37 -4.25
N ARG A 186 5.57 -7.39 -4.54
CA ARG A 186 6.13 -8.67 -4.93
C ARG A 186 6.94 -8.54 -6.21
N ASP A 187 6.48 -7.65 -7.10
CA ASP A 187 7.10 -7.37 -8.39
C ASP A 187 8.50 -6.82 -8.18
N ASN A 188 8.73 -6.09 -7.08
CA ASN A 188 10.04 -5.53 -6.78
C ASN A 188 10.82 -6.36 -5.75
N MET A 189 10.12 -7.26 -5.07
CA MET A 189 10.65 -8.17 -4.06
C MET A 189 11.17 -9.47 -4.67
N VAL A 190 10.62 -9.85 -5.83
CA VAL A 190 11.00 -11.07 -6.57
C VAL A 190 12.47 -11.22 -7.01
N PRO A 191 12.95 -12.47 -7.19
CA PRO A 191 14.36 -12.62 -7.62
C PRO A 191 14.52 -12.26 -9.11
N ASP A 192 14.43 -13.24 -10.03
CA ASP A 192 14.57 -12.98 -11.48
C ASP A 192 13.28 -12.36 -12.08
N LEU A 193 13.22 -12.17 -13.40
CA LEU A 193 12.04 -11.58 -14.05
C LEU A 193 11.00 -12.57 -14.50
N SER A 194 11.32 -13.89 -14.38
CA SER A 194 10.38 -14.96 -14.77
C SER A 194 9.15 -14.85 -13.87
N HIS A 195 9.26 -14.07 -12.76
CA HIS A 195 8.16 -13.88 -11.84
C HIS A 195 7.68 -12.42 -11.67
N LYS A 196 8.40 -11.41 -12.21
CA LYS A 196 7.90 -10.04 -12.02
C LYS A 196 6.58 -9.99 -12.74
N VAL A 197 5.55 -9.43 -12.10
CA VAL A 197 4.23 -9.37 -12.77
C VAL A 197 3.75 -8.02 -13.32
N GLN A 198 4.07 -6.91 -12.66
CA GLN A 198 3.64 -5.60 -13.12
C GLN A 198 4.09 -5.07 -14.45
N ARG A 199 4.10 -3.77 -14.62
CA ARG A 199 4.49 -3.11 -15.85
C ARG A 199 4.70 -1.69 -15.50
N GLU A 200 4.92 -0.78 -16.43
CA GLU A 200 5.14 0.61 -16.04
C GLU A 200 3.98 1.32 -15.43
N LEU A 201 4.04 1.82 -14.17
CA LEU A 201 2.91 2.53 -13.56
C LEU A 201 2.69 3.91 -14.30
N ASN A 202 2.07 3.87 -15.48
CA ASN A 202 1.82 5.07 -16.27
C ASN A 202 0.66 5.96 -15.89
N PHE A 203 -0.57 5.45 -15.94
CA PHE A 203 -1.70 6.29 -15.60
C PHE A 203 -2.78 5.55 -14.85
N ALA A 204 -3.32 6.21 -13.84
CA ALA A 204 -4.36 5.62 -13.01
C ALA A 204 -5.56 6.51 -12.69
N ILE A 205 -6.75 5.89 -12.69
CA ILE A 205 -8.01 6.54 -12.41
C ILE A 205 -8.50 5.90 -11.11
N VAL A 206 -8.60 6.70 -10.05
CA VAL A 206 -9.07 6.12 -8.79
C VAL A 206 -10.57 6.32 -8.53
N ASP A 207 -11.33 5.23 -8.56
CA ASP A 207 -12.77 5.32 -8.31
C ASP A 207 -12.99 5.50 -6.82
N GLU A 208 -13.79 6.52 -6.42
CA GLU A 208 -14.04 6.76 -5.01
C GLU A 208 -12.74 7.12 -4.35
N VAL A 209 -12.05 8.03 -5.01
CA VAL A 209 -10.76 8.53 -4.59
C VAL A 209 -10.68 8.92 -3.10
N ASP A 210 -11.75 9.52 -2.53
CA ASP A 210 -11.65 9.87 -1.13
C ASP A 210 -11.48 8.63 -0.27
N SER A 211 -12.10 7.53 -0.68
CA SER A 211 -12.01 6.31 0.07
C SER A 211 -10.64 5.64 0.06
N ILE A 212 -10.05 5.42 -1.12
CA ILE A 212 -8.73 4.78 -1.16
C ILE A 212 -7.62 5.68 -0.60
N LEU A 213 -7.43 6.84 -1.25
CA LEU A 213 -6.42 7.81 -0.85
C LEU A 213 -6.54 8.38 0.55
N ILE A 214 -7.46 9.32 0.75
CA ILE A 214 -7.68 9.95 2.05
C ILE A 214 -7.95 8.98 3.20
N ASP A 215 -8.98 8.15 3.05
CA ASP A 215 -9.36 7.19 4.07
C ASP A 215 -8.46 6.01 4.35
N GLU A 216 -8.24 5.13 3.36
CA GLU A 216 -7.37 3.97 3.62
C GLU A 216 -6.00 4.38 4.13
N ALA A 217 -5.40 5.41 3.50
CA ALA A 217 -4.09 5.97 3.84
C ALA A 217 -3.55 5.57 5.22
N ARG A 218 -4.42 5.68 6.23
CA ARG A 218 -4.19 5.36 7.65
C ARG A 218 -3.37 4.10 7.91
N THR A 219 -3.58 3.04 7.11
CA THR A 219 -2.82 1.82 7.29
C THR A 219 -1.99 1.46 6.05
N PRO A 220 -0.72 1.05 6.23
CA PRO A 220 0.01 0.73 5.00
C PRO A 220 -0.15 -0.69 4.53
N LEU A 221 0.26 -0.99 3.27
CA LEU A 221 0.15 -2.32 2.74
C LEU A 221 1.33 -3.09 3.32
N ILE A 222 1.12 -4.33 3.79
CA ILE A 222 2.23 -5.07 4.36
C ILE A 222 2.25 -6.54 4.06
N ILE A 223 3.29 -6.99 3.36
CA ILE A 223 3.40 -8.40 3.04
C ILE A 223 4.33 -9.01 4.10
N ALA A 224 3.96 -10.16 4.65
CA ALA A 224 4.75 -10.82 5.67
C ALA A 224 5.04 -12.25 5.24
N GLY A 225 5.78 -13.01 6.05
CA GLY A 225 6.07 -14.39 5.67
C GLY A 225 6.11 -15.42 6.78
N ASP A 226 5.51 -16.59 6.49
CA ASP A 226 5.44 -17.71 7.41
C ASP A 226 6.78 -18.39 7.61
N GLY A 227 7.33 -18.28 8.82
CA GLY A 227 8.62 -18.88 9.14
C GLY A 227 8.75 -20.38 9.27
N ASP A 228 8.40 -21.13 8.22
CA ASP A 228 8.52 -22.60 8.33
C ASP A 228 9.98 -23.01 8.21
N GLU A 229 10.65 -22.48 7.19
CA GLU A 229 12.05 -22.74 6.90
C GLU A 229 13.01 -22.42 8.03
N ASP A 230 13.02 -21.16 8.49
CA ASP A 230 13.87 -20.67 9.57
C ASP A 230 13.78 -21.54 10.82
N LEU A 231 12.54 -21.92 11.20
CA LEU A 231 12.23 -22.75 12.36
C LEU A 231 13.22 -23.85 12.73
N LYS A 232 13.44 -24.80 11.83
CA LYS A 232 14.35 -25.91 12.06
C LYS A 232 15.74 -25.63 11.49
N LEU A 233 15.88 -24.49 10.79
CA LEU A 233 17.16 -24.12 10.20
C LEU A 233 18.15 -23.73 11.28
N TYR A 234 17.74 -22.82 12.19
CA TYR A 234 18.64 -22.40 13.27
C TYR A 234 18.96 -23.64 14.07
N GLU A 235 17.99 -24.57 14.14
CA GLU A 235 18.15 -25.82 14.87
C GLU A 235 19.30 -26.66 14.32
N LEU A 236 19.26 -26.98 13.00
CA LEU A 236 20.30 -27.77 12.37
C LEU A 236 21.64 -27.07 12.56
N ALA A 237 21.72 -25.80 12.15
CA ALA A 237 22.91 -24.96 12.25
C ALA A 237 23.49 -24.98 13.66
N ASN A 238 22.61 -24.85 14.66
CA ASN A 238 22.96 -24.85 16.07
C ASN A 238 23.42 -26.24 16.50
N SER A 239 22.90 -27.31 15.88
CA SER A 239 23.32 -28.65 16.27
C SER A 239 24.71 -28.84 15.75
N PHE A 240 24.93 -28.36 14.52
CA PHE A 240 26.24 -28.49 13.91
C PHE A 240 27.27 -27.63 14.62
N VAL A 241 26.93 -26.38 14.86
CA VAL A 241 27.86 -25.52 15.54
C VAL A 241 28.11 -26.11 16.86
N LYS A 242 27.15 -26.87 17.33
CA LYS A 242 27.31 -27.49 18.65
C LYS A 242 28.33 -28.62 18.59
N THR A 243 28.22 -29.46 17.57
CA THR A 243 29.17 -30.57 17.44
C THR A 243 30.59 -30.12 17.13
N VAL A 244 30.73 -28.99 16.41
CA VAL A 244 32.01 -28.41 16.02
C VAL A 244 33.09 -28.40 17.13
N LYS A 245 34.37 -28.42 16.74
CA LYS A 245 35.48 -28.41 17.67
C LYS A 245 36.28 -27.13 17.57
N GLU A 246 37.25 -26.91 18.47
CA GLU A 246 38.05 -25.70 18.43
C GLU A 246 38.88 -25.57 17.17
N GLU A 247 39.22 -26.71 16.55
CA GLU A 247 39.99 -26.71 15.33
C GLU A 247 39.16 -26.35 14.11
N ASP A 248 37.85 -26.66 14.16
CA ASP A 248 36.94 -26.37 13.05
C ASP A 248 36.70 -24.88 12.82
N PHE A 249 37.23 -24.02 13.70
CA PHE A 249 37.05 -22.59 13.55
C PHE A 249 38.16 -21.80 14.22
N GLU A 250 38.32 -20.55 13.79
CA GLU A 250 39.32 -19.63 14.31
C GLU A 250 38.60 -18.38 14.77
N LEU A 251 39.14 -17.67 15.76
CA LEU A 251 38.46 -16.46 16.22
C LEU A 251 39.34 -15.33 16.72
N ASP A 252 38.69 -14.24 17.12
CA ASP A 252 39.33 -13.03 17.62
C ASP A 252 38.33 -12.12 18.37
N ARG A 253 38.23 -12.27 19.70
CA ARG A 253 37.33 -11.48 20.52
C ARG A 253 37.80 -10.05 20.60
N LYS A 254 38.99 -9.79 20.06
CA LYS A 254 39.58 -8.46 20.06
C LYS A 254 38.88 -7.60 19.04
N ASP A 255 38.66 -8.15 17.85
CA ASP A 255 37.98 -7.41 16.79
C ASP A 255 36.64 -8.03 16.48
N LYS A 256 36.14 -8.83 17.42
CA LYS A 256 34.87 -9.54 17.33
C LYS A 256 34.55 -10.22 16.02
N THR A 257 35.46 -11.06 15.58
CA THR A 257 35.30 -11.81 14.33
C THR A 257 35.47 -13.30 14.64
N ILE A 258 35.05 -14.13 13.73
CA ILE A 258 35.16 -15.56 13.91
C ILE A 258 34.93 -16.18 12.54
N ALA A 259 35.51 -17.34 12.27
CA ALA A 259 35.32 -17.97 10.98
C ALA A 259 35.35 -19.44 11.11
N LEU A 260 34.88 -20.09 10.08
CA LEU A 260 34.85 -21.51 10.07
C LEU A 260 36.04 -22.02 9.28
N THR A 261 36.99 -22.69 9.95
CA THR A 261 38.16 -23.21 9.22
C THR A 261 37.85 -24.31 8.20
N ALA A 262 38.89 -24.83 7.54
CA ALA A 262 38.74 -25.88 6.54
C ALA A 262 38.11 -27.12 7.17
N SER A 263 38.41 -27.38 8.46
CA SER A 263 37.86 -28.53 9.14
C SER A 263 36.34 -28.43 9.17
N GLY A 264 35.82 -27.20 9.27
CA GLY A 264 34.38 -26.99 9.30
C GLY A 264 33.69 -27.11 7.96
N ILE A 265 34.29 -26.54 6.90
CA ILE A 265 33.68 -26.61 5.58
C ILE A 265 33.28 -28.05 5.24
N SER A 266 34.20 -28.99 5.44
CA SER A 266 33.91 -30.39 5.15
C SER A 266 32.91 -30.99 6.11
N LYS A 267 33.00 -30.63 7.41
CA LYS A 267 32.08 -31.16 8.39
C LYS A 267 30.67 -30.73 8.05
N ALA A 268 30.52 -29.50 7.50
CA ALA A 268 29.21 -28.99 7.13
C ALA A 268 28.70 -29.76 5.93
N GLU A 269 29.58 -29.97 4.94
CA GLU A 269 29.25 -30.69 3.73
C GLU A 269 28.86 -32.13 4.05
N SER A 270 29.50 -32.70 5.08
CA SER A 270 29.22 -34.07 5.48
C SER A 270 27.98 -34.15 6.34
N PHE A 271 27.81 -33.19 7.25
CA PHE A 271 26.67 -33.13 8.15
C PHE A 271 25.43 -32.97 7.29
N PHE A 272 25.38 -31.89 6.52
CA PHE A 272 24.27 -31.59 5.65
C PHE A 272 24.41 -32.33 4.33
N GLY A 273 23.43 -32.18 3.44
CA GLY A 273 23.48 -32.84 2.15
C GLY A 273 24.09 -31.94 1.09
N ILE A 274 24.58 -30.77 1.53
CA ILE A 274 25.19 -29.79 0.67
C ILE A 274 26.68 -30.00 0.55
N THR A 275 27.15 -30.30 -0.66
CA THR A 275 28.57 -30.52 -0.85
C THR A 275 29.18 -29.54 -1.85
N ASN A 276 29.45 -28.34 -1.36
CA ASN A 276 30.04 -27.26 -2.16
C ASN A 276 30.42 -26.13 -1.23
N LEU A 277 29.42 -25.60 -0.53
CA LEU A 277 29.51 -24.50 0.43
C LEU A 277 30.28 -23.31 -0.13
N THR A 278 30.35 -22.20 0.63
CA THR A 278 31.07 -21.02 0.15
C THR A 278 30.41 -20.31 -1.05
N ASP A 279 29.76 -21.07 -1.94
CA ASP A 279 29.10 -20.53 -3.11
C ASP A 279 27.83 -19.73 -2.81
N ILE A 280 27.52 -18.78 -3.70
CA ILE A 280 26.33 -17.96 -3.51
C ILE A 280 25.16 -18.92 -3.29
N LYS A 281 25.17 -20.04 -4.03
CA LYS A 281 24.11 -21.00 -3.86
C LYS A 281 24.53 -21.56 -2.51
N ASN A 282 23.68 -21.39 -1.50
CA ASN A 282 23.88 -21.85 -0.12
C ASN A 282 24.07 -20.71 0.88
N ILE A 283 24.25 -19.46 0.38
CA ILE A 283 24.44 -18.26 1.22
C ILE A 283 23.68 -18.39 2.52
N GLU A 284 22.49 -18.99 2.42
CA GLU A 284 21.58 -19.25 3.53
C GLU A 284 22.18 -20.11 4.62
N LEU A 285 22.47 -21.40 4.31
CA LEU A 285 23.05 -22.28 5.31
C LEU A 285 24.28 -21.64 5.86
N TYR A 286 25.09 -21.02 4.98
CA TYR A 286 26.31 -20.36 5.39
C TYR A 286 26.08 -19.20 6.33
N HIS A 287 25.11 -18.34 6.02
CA HIS A 287 24.82 -17.20 6.89
C HIS A 287 24.37 -17.70 8.24
N HIS A 288 23.39 -18.63 8.23
CA HIS A 288 22.86 -19.21 9.44
C HIS A 288 23.90 -19.91 10.29
N ILE A 289 24.72 -20.80 9.69
CA ILE A 289 25.74 -21.49 10.47
C ILE A 289 26.67 -20.44 11.06
N ASN A 290 26.88 -19.37 10.31
CA ASN A 290 27.73 -18.27 10.74
C ASN A 290 27.25 -17.62 12.02
N GLN A 291 26.03 -17.01 12.04
CA GLN A 291 25.59 -16.39 13.28
C GLN A 291 25.41 -17.50 14.35
N ALA A 292 25.16 -18.76 13.93
CA ALA A 292 25.01 -19.85 14.93
C ALA A 292 26.32 -19.99 15.65
N LEU A 293 27.45 -20.04 14.86
CA LEU A 293 28.79 -20.17 15.37
C LEU A 293 29.15 -18.97 16.25
N ARG A 294 29.05 -17.75 15.68
CA ARG A 294 29.35 -16.53 16.42
C ARG A 294 28.63 -16.51 17.76
N GLY A 295 27.32 -16.78 17.74
CA GLY A 295 26.55 -16.79 18.98
C GLY A 295 27.07 -17.81 19.95
N HIS A 296 27.57 -18.96 19.44
CA HIS A 296 28.09 -19.98 20.34
C HIS A 296 29.43 -19.66 21.01
N LYS A 297 30.36 -18.96 20.31
CA LYS A 297 31.65 -18.65 20.93
C LYS A 297 32.04 -17.18 21.08
N LEU A 298 31.77 -16.34 20.07
CA LEU A 298 32.14 -14.92 20.17
C LEU A 298 31.45 -14.20 21.33
N MET A 299 30.21 -14.60 21.63
CA MET A 299 29.44 -14.01 22.72
C MET A 299 29.35 -14.96 23.90
N GLU A 300 28.84 -14.49 25.05
CA GLU A 300 28.76 -15.37 26.21
C GLU A 300 27.70 -14.94 27.23
N LYS A 301 27.20 -15.92 27.98
CA LYS A 301 26.18 -15.76 29.02
C LYS A 301 26.64 -14.73 30.05
N ASP A 302 25.69 -13.95 30.57
CA ASP A 302 25.94 -12.92 31.58
C ASP A 302 26.93 -11.81 31.21
N VAL A 303 27.50 -11.84 29.99
CA VAL A 303 28.45 -10.82 29.57
C VAL A 303 27.77 -10.01 28.47
N ASP A 304 27.54 -10.67 27.34
CA ASP A 304 26.89 -10.09 26.18
C ASP A 304 25.53 -10.72 26.34
N TYR A 305 24.42 -9.97 26.22
CA TYR A 305 23.10 -10.58 26.40
C TYR A 305 22.93 -11.23 27.78
N VAL A 306 21.70 -11.53 28.17
CA VAL A 306 21.40 -12.14 29.46
C VAL A 306 20.19 -13.03 29.35
N ILE A 307 20.01 -13.95 30.31
CA ILE A 307 18.83 -14.82 30.25
C ILE A 307 17.88 -14.68 31.42
N SER A 308 16.85 -13.87 31.23
CA SER A 308 15.84 -13.63 32.25
C SER A 308 14.61 -14.43 31.88
N ASN A 309 14.04 -15.17 32.84
CA ASN A 309 12.84 -15.98 32.61
C ASN A 309 12.88 -16.73 31.26
N GLY A 310 11.73 -16.95 30.63
CA GLY A 310 11.68 -17.66 29.36
C GLY A 310 12.11 -16.86 28.13
N GLU A 311 13.07 -15.92 28.30
CA GLU A 311 13.55 -15.11 27.18
C GLU A 311 14.98 -14.63 27.37
N VAL A 312 15.63 -14.18 26.28
CA VAL A 312 17.00 -13.69 26.34
C VAL A 312 17.15 -12.23 25.93
N MET A 313 17.30 -11.34 26.91
CA MET A 313 17.44 -9.91 26.67
C MET A 313 18.88 -9.46 26.46
N ILE A 314 19.05 -8.38 25.67
CA ILE A 314 20.37 -7.81 25.37
C ILE A 314 20.90 -6.86 26.41
N VAL A 315 22.24 -6.75 26.54
CA VAL A 315 22.87 -5.85 27.51
C VAL A 315 23.59 -4.63 26.91
N ASP A 316 23.50 -3.48 27.57
CA ASP A 316 24.12 -2.24 27.14
C ASP A 316 25.50 -2.16 27.74
N GLU A 317 26.50 -1.77 26.95
CA GLU A 317 27.85 -1.68 27.49
C GLU A 317 28.11 -0.41 28.26
N PHE A 318 27.30 0.62 28.03
CA PHE A 318 27.45 1.90 28.71
C PHE A 318 26.85 1.95 30.11
N THR A 319 26.13 0.90 30.50
CA THR A 319 25.50 0.87 31.84
C THR A 319 25.54 -0.47 32.52
N GLY A 320 25.52 -1.55 31.76
CA GLY A 320 25.54 -2.86 32.37
C GLY A 320 24.10 -3.30 32.48
N ARG A 321 23.18 -2.35 32.18
CA ARG A 321 21.74 -2.58 32.22
C ARG A 321 21.24 -3.45 31.08
N VAL A 322 19.98 -3.87 31.16
CA VAL A 322 19.37 -4.69 30.13
C VAL A 322 18.70 -3.81 29.08
N MET A 323 19.25 -3.76 27.86
CA MET A 323 18.67 -2.94 26.80
C MET A 323 17.42 -3.63 26.24
N ASP A 324 16.33 -3.64 27.03
CA ASP A 324 15.07 -4.26 26.66
C ASP A 324 14.47 -3.68 25.40
N GLY A 325 13.54 -4.43 24.80
CA GLY A 325 12.89 -3.97 23.58
C GLY A 325 13.66 -4.25 22.32
N ARG A 326 14.97 -3.93 22.36
CA ARG A 326 15.81 -4.15 21.20
C ARG A 326 16.24 -5.60 21.04
N ARG A 327 16.07 -6.12 19.83
CA ARG A 327 16.41 -7.49 19.48
C ARG A 327 17.70 -7.53 18.69
N TYR A 328 18.37 -8.69 18.66
CA TYR A 328 19.62 -8.79 17.91
C TYR A 328 19.39 -8.73 16.40
N THR A 329 20.35 -8.15 15.70
CA THR A 329 20.33 -7.99 14.24
C THR A 329 20.48 -9.25 13.38
N ASP A 330 20.20 -9.09 12.09
CA ASP A 330 20.25 -10.09 11.01
C ASP A 330 20.20 -11.61 11.30
N GLY A 331 19.45 -12.06 12.31
CA GLY A 331 19.37 -13.50 12.60
C GLY A 331 20.04 -13.89 13.90
N LEU A 332 20.85 -12.96 14.40
CA LEU A 332 21.55 -13.20 15.63
C LEU A 332 20.75 -13.67 16.83
N HIS A 333 19.68 -12.93 17.24
CA HIS A 333 18.89 -13.34 18.41
C HIS A 333 18.35 -14.75 18.26
N GLN A 334 17.79 -15.01 17.11
CA GLN A 334 17.22 -16.26 16.76
C GLN A 334 18.27 -17.31 17.00
N ALA A 335 19.54 -16.91 16.81
CA ALA A 335 20.63 -17.86 17.02
C ALA A 335 20.90 -18.04 18.48
N ILE A 336 21.15 -16.93 19.20
CA ILE A 336 21.43 -17.04 20.64
C ILE A 336 20.32 -17.87 21.27
N GLU A 337 19.05 -17.61 20.88
CA GLU A 337 17.93 -18.34 21.43
C GLU A 337 18.11 -19.83 21.28
N ALA A 338 18.50 -20.25 20.06
CA ALA A 338 18.70 -21.67 19.79
C ALA A 338 19.82 -22.19 20.69
N LYS A 339 20.87 -21.39 20.85
CA LYS A 339 22.03 -21.71 21.66
C LYS A 339 21.71 -22.07 23.10
N GLU A 340 21.01 -21.18 23.82
CA GLU A 340 20.68 -21.48 25.21
C GLU A 340 19.64 -22.56 25.44
N GLY A 341 18.55 -22.53 24.67
CA GLY A 341 17.52 -23.54 24.83
C GLY A 341 16.21 -22.95 25.30
N VAL A 342 15.74 -21.93 24.57
CA VAL A 342 14.50 -21.23 24.85
C VAL A 342 13.65 -21.05 23.61
N GLU A 343 12.31 -21.08 23.77
CA GLU A 343 11.39 -20.92 22.63
C GLU A 343 11.76 -19.75 21.75
N ILE A 344 12.02 -20.06 20.48
CA ILE A 344 12.40 -19.08 19.48
C ILE A 344 11.23 -18.27 18.91
N LYS A 345 11.44 -16.95 18.80
CA LYS A 345 10.44 -16.03 18.28
C LYS A 345 10.40 -16.12 16.75
N ASN A 346 9.77 -17.16 16.21
CA ASN A 346 9.69 -17.29 14.76
C ASN A 346 8.32 -17.02 14.19
N GLU A 347 7.89 -15.75 14.23
CA GLU A 347 6.59 -15.39 13.71
C GLU A 347 6.56 -13.97 13.14
N SER A 348 5.60 -13.72 12.23
CA SER A 348 5.38 -12.44 11.56
C SER A 348 6.63 -11.73 11.04
N LYS A 349 7.08 -12.09 9.83
CA LYS A 349 8.26 -11.47 9.24
C LYS A 349 7.89 -10.39 8.23
N THR A 350 7.90 -9.13 8.64
CA THR A 350 7.56 -8.02 7.74
C THR A 350 8.63 -7.86 6.66
N MET A 351 8.30 -8.18 5.41
CA MET A 351 9.21 -8.08 4.26
C MET A 351 8.91 -6.87 3.41
N ALA A 352 7.70 -6.80 2.84
CA ALA A 352 7.35 -5.66 2.01
C ALA A 352 6.42 -4.68 2.81
N THR A 353 6.43 -3.35 2.52
CA THR A 353 5.58 -2.41 3.23
C THR A 353 5.43 -1.12 2.44
N VAL A 354 4.22 -0.50 2.46
CA VAL A 354 4.05 0.74 1.71
C VAL A 354 2.69 1.44 1.85
N THR A 355 2.72 2.76 2.08
CA THR A 355 1.48 3.51 2.22
C THR A 355 0.98 3.88 0.83
N TYR A 356 -0.33 4.17 0.74
CA TYR A 356 -0.92 4.55 -0.53
C TYR A 356 -0.52 6.01 -0.81
N GLN A 357 0.00 6.65 0.22
CA GLN A 357 0.40 8.00 0.05
C GLN A 357 1.52 8.04 -0.92
N ASN A 358 2.39 7.03 -0.89
CA ASN A 358 3.51 7.00 -1.80
C ASN A 358 3.25 6.05 -2.96
N PHE A 359 2.79 4.81 -2.69
CA PHE A 359 2.56 3.93 -3.83
C PHE A 359 1.87 4.58 -5.01
N PHE A 360 0.98 5.51 -4.72
CA PHE A 360 0.24 6.22 -5.77
C PHE A 360 1.03 7.35 -6.34
N ARG A 361 1.98 7.90 -5.55
CA ARG A 361 2.78 8.99 -6.03
C ARG A 361 3.54 8.45 -7.23
N LEU A 362 3.84 7.11 -7.20
CA LEU A 362 4.56 6.45 -8.29
C LEU A 362 3.85 6.30 -9.64
N TYR A 363 3.07 7.29 -10.09
CA TYR A 363 2.39 7.17 -11.39
C TYR A 363 2.67 8.42 -12.21
N GLU A 364 2.92 8.29 -13.53
CA GLU A 364 3.20 9.47 -14.34
C GLU A 364 2.08 10.48 -14.32
N LYS A 365 0.84 10.00 -14.42
CA LYS A 365 -0.35 10.83 -14.41
C LYS A 365 -1.40 10.26 -13.45
N LEU A 366 -1.68 10.95 -12.34
CA LEU A 366 -2.67 10.48 -11.37
C LEU A 366 -4.02 11.18 -11.56
N SER A 367 -5.11 10.50 -11.17
CA SER A 367 -6.46 11.05 -11.30
C SER A 367 -7.50 10.23 -10.52
N GLY A 368 -8.76 10.68 -10.52
CA GLY A 368 -9.80 9.94 -9.80
C GLY A 368 -11.13 10.67 -9.73
N MET A 369 -12.16 9.98 -9.23
CA MET A 369 -13.49 10.57 -9.11
C MET A 369 -14.07 10.26 -7.76
N THR A 370 -15.07 11.05 -7.34
CA THR A 370 -15.72 10.84 -6.04
C THR A 370 -16.90 11.78 -5.82
N GLY A 371 -17.60 11.62 -4.70
CA GLY A 371 -18.74 12.48 -4.41
C GLY A 371 -18.50 13.48 -3.31
N THR A 372 -17.38 13.32 -2.59
CA THR A 372 -16.99 14.19 -1.50
C THR A 372 -15.48 14.34 -1.43
N ALA A 373 -14.93 15.44 -1.99
CA ALA A 373 -13.49 15.63 -1.96
C ALA A 373 -13.04 17.07 -1.94
N LYS A 374 -13.82 17.97 -2.55
CA LYS A 374 -13.43 19.39 -2.56
C LYS A 374 -13.15 19.97 -1.18
N THR A 375 -13.69 19.35 -0.14
CA THR A 375 -13.49 19.83 1.22
C THR A 375 -12.13 19.43 1.76
N GLU A 376 -11.61 18.29 1.28
CA GLU A 376 -10.32 17.78 1.72
C GLU A 376 -9.21 18.10 0.73
N GLU A 377 -9.52 18.97 -0.26
CA GLU A 377 -8.61 19.41 -1.32
C GLU A 377 -7.19 19.67 -0.83
N GLY A 378 -7.03 20.46 0.23
CA GLY A 378 -5.70 20.75 0.76
C GLY A 378 -4.85 19.51 0.94
N GLU A 379 -5.48 18.38 1.32
CA GLU A 379 -4.79 17.12 1.53
C GLU A 379 -4.58 16.46 0.18
N PHE A 380 -5.65 16.37 -0.62
CA PHE A 380 -5.56 15.76 -1.96
C PHE A 380 -4.44 16.41 -2.80
N GLU A 381 -4.27 17.76 -2.73
CA GLU A 381 -3.26 18.49 -3.47
C GLU A 381 -1.91 18.44 -2.78
N SER A 382 -1.84 18.80 -1.51
CA SER A 382 -0.55 18.75 -0.86
C SER A 382 -0.14 17.32 -0.48
N ILE A 383 -0.32 16.35 -1.36
CA ILE A 383 0.05 14.96 -1.11
C ILE A 383 0.05 14.31 -2.45
N TYR A 384 -1.07 14.37 -3.18
CA TYR A 384 -1.07 13.74 -4.49
C TYR A 384 -1.25 14.79 -5.53
N LYS A 385 -1.19 16.06 -5.13
CA LYS A 385 -1.36 17.17 -6.04
C LYS A 385 -2.53 16.89 -6.97
N LEU A 386 -3.63 16.50 -6.34
CA LEU A 386 -4.89 16.17 -7.00
C LEU A 386 -5.72 17.42 -6.81
N ASN A 387 -6.25 17.94 -7.88
CA ASN A 387 -7.07 19.13 -7.80
C ASN A 387 -8.54 18.80 -7.90
N VAL A 388 -9.30 19.00 -6.83
CA VAL A 388 -10.71 18.67 -6.93
C VAL A 388 -11.50 19.71 -7.68
N VAL A 389 -12.17 19.26 -8.73
CA VAL A 389 -12.99 20.12 -9.56
C VAL A 389 -14.41 19.60 -9.48
N GLN A 390 -15.31 20.40 -8.92
CA GLN A 390 -16.69 20.01 -8.78
C GLN A 390 -17.50 20.15 -10.05
N ILE A 391 -18.39 19.20 -10.28
CA ILE A 391 -19.21 19.24 -11.47
C ILE A 391 -20.69 19.33 -11.17
N PRO A 392 -21.44 20.04 -12.02
CA PRO A 392 -22.87 20.12 -11.71
C PRO A 392 -23.55 18.77 -11.92
N THR A 393 -24.69 18.59 -11.26
CA THR A 393 -25.42 17.34 -11.39
C THR A 393 -26.25 17.45 -12.67
N ASN A 394 -26.61 16.33 -13.31
CA ASN A 394 -27.40 16.42 -14.53
C ASN A 394 -28.70 17.21 -14.35
N ARG A 395 -29.69 16.62 -13.65
CA ARG A 395 -30.96 17.27 -13.39
C ARG A 395 -30.83 18.00 -12.06
N PRO A 396 -31.72 18.93 -11.71
CA PRO A 396 -31.48 19.56 -10.41
C PRO A 396 -31.68 18.58 -9.25
N VAL A 397 -30.83 18.69 -8.23
CA VAL A 397 -30.92 17.81 -7.08
C VAL A 397 -31.95 18.24 -6.04
N ILE A 398 -33.11 17.59 -6.07
CA ILE A 398 -34.19 17.89 -5.14
C ILE A 398 -34.31 16.73 -4.18
N ARG A 399 -34.10 17.00 -2.90
CA ARG A 399 -34.18 15.95 -1.89
C ARG A 399 -34.42 16.53 -0.50
N ALA A 400 -34.47 15.68 0.54
CA ALA A 400 -34.69 16.16 1.89
C ALA A 400 -33.64 15.67 2.84
N ASP A 401 -32.49 16.36 2.85
CA ASP A 401 -31.39 15.99 3.73
C ASP A 401 -31.83 16.49 5.08
N LEU A 402 -32.62 15.68 5.77
CA LEU A 402 -33.11 16.05 7.08
C LEU A 402 -32.12 16.01 8.19
N HIS A 403 -32.41 16.80 9.22
CA HIS A 403 -31.58 16.93 10.40
C HIS A 403 -31.18 15.67 11.16
N ASP A 404 -30.52 15.90 12.28
CA ASP A 404 -30.03 14.86 13.16
C ASP A 404 -30.93 14.69 14.34
N LYS A 405 -31.78 13.66 14.33
CA LYS A 405 -32.66 13.45 15.46
C LYS A 405 -31.75 13.08 16.61
N VAL A 406 -31.50 14.06 17.49
CA VAL A 406 -30.64 13.87 18.64
C VAL A 406 -31.31 13.15 19.79
N PHE A 407 -30.56 12.32 20.48
CA PHE A 407 -31.07 11.56 21.62
C PHE A 407 -30.03 11.34 22.71
N LYS A 408 -30.39 10.46 23.62
CA LYS A 408 -29.59 10.05 24.75
C LYS A 408 -30.00 8.60 24.90
N THR A 409 -29.10 7.76 25.38
CA THR A 409 -29.40 6.34 25.55
C THR A 409 -29.68 5.65 24.22
N GLU A 410 -28.87 4.63 23.90
CA GLU A 410 -29.02 3.89 22.68
C GLU A 410 -30.38 3.26 22.54
N GLU A 411 -31.04 2.90 23.66
CA GLU A 411 -32.36 2.28 23.54
C GLU A 411 -33.32 3.32 23.00
N GLU A 412 -33.25 4.55 23.53
CA GLU A 412 -34.11 5.66 23.11
C GLU A 412 -33.91 5.87 21.61
N LYS A 413 -32.64 6.00 21.17
CA LYS A 413 -32.32 6.21 19.75
C LYS A 413 -32.86 5.05 18.86
N TYR A 414 -32.64 3.78 19.33
CA TYR A 414 -33.05 2.56 18.67
C TYR A 414 -34.48 2.34 18.52
N SER A 415 -35.29 2.70 19.55
CA SER A 415 -36.75 2.54 19.46
C SER A 415 -37.21 3.63 18.51
N ALA A 416 -36.66 4.87 18.65
CA ALA A 416 -37.05 5.94 17.76
C ALA A 416 -36.88 5.51 16.32
N VAL A 417 -35.79 4.80 16.02
CA VAL A 417 -35.52 4.32 14.67
C VAL A 417 -36.47 3.24 14.28
N VAL A 418 -36.68 2.21 15.16
CA VAL A 418 -37.60 1.11 14.86
C VAL A 418 -39.01 1.61 14.58
N GLU A 419 -39.52 2.46 15.48
CA GLU A 419 -40.85 3.00 15.32
C GLU A 419 -40.97 3.86 14.09
N GLU A 420 -40.00 4.75 13.79
CA GLU A 420 -40.17 5.54 12.58
C GLU A 420 -40.16 4.72 11.30
N ILE A 421 -39.63 3.50 11.38
CA ILE A 421 -39.58 2.64 10.19
C ILE A 421 -40.90 1.99 9.97
N ILE A 422 -41.60 1.50 11.05
CA ILE A 422 -42.91 0.85 10.87
C ILE A 422 -43.79 1.92 10.26
N ARG A 423 -43.59 3.15 10.72
CA ARG A 423 -44.37 4.25 10.21
C ARG A 423 -44.11 4.48 8.71
N ILE A 424 -42.85 4.67 8.31
CA ILE A 424 -42.66 4.87 6.86
C ILE A 424 -43.10 3.66 5.99
N HIS A 425 -42.85 2.44 6.50
CA HIS A 425 -43.20 1.23 5.80
C HIS A 425 -44.65 1.10 5.37
N LYS A 426 -45.61 1.37 6.28
CA LYS A 426 -47.02 1.27 5.93
C LYS A 426 -47.38 2.26 4.82
N THR A 427 -46.78 3.46 4.84
CA THR A 427 -47.04 4.49 3.84
C THR A 427 -46.64 3.97 2.45
N ARG A 428 -45.85 2.89 2.44
CA ARG A 428 -45.35 2.24 1.23
C ARG A 428 -44.34 3.15 0.54
N GLN A 429 -43.07 2.91 0.85
CA GLN A 429 -41.91 3.64 0.33
C GLN A 429 -40.71 2.86 0.80
N PRO A 430 -39.59 2.84 0.06
CA PRO A 430 -38.55 2.02 0.68
C PRO A 430 -37.65 2.81 1.56
N ILE A 431 -36.98 2.11 2.46
CA ILE A 431 -36.07 2.82 3.34
C ILE A 431 -34.72 2.16 3.35
N LEU A 432 -33.73 2.92 3.72
CA LEU A 432 -32.40 2.38 3.76
C LEU A 432 -31.84 2.63 5.13
N VAL A 433 -31.82 1.59 5.99
CA VAL A 433 -31.27 1.83 7.32
C VAL A 433 -29.72 1.67 7.42
N GLY A 434 -28.98 2.81 7.34
CA GLY A 434 -27.53 2.77 7.42
C GLY A 434 -27.00 2.56 8.84
N THR A 435 -26.13 1.58 8.99
CA THR A 435 -25.52 1.22 10.26
C THR A 435 -23.99 1.49 10.19
N VAL A 436 -23.23 1.02 11.19
CA VAL A 436 -21.81 1.18 11.27
C VAL A 436 -21.23 0.07 12.19
N SER A 437 -21.78 -1.15 12.02
CA SER A 437 -21.42 -2.38 12.75
C SER A 437 -22.30 -3.48 12.39
N VAL A 438 -21.73 -4.66 12.29
CA VAL A 438 -22.45 -5.87 11.94
C VAL A 438 -23.37 -6.20 13.10
N GLU A 439 -22.93 -5.87 14.32
CA GLU A 439 -23.74 -6.13 15.50
C GLU A 439 -24.81 -5.09 15.65
N LYS A 440 -24.50 -3.81 15.34
CA LYS A 440 -25.50 -2.78 15.46
C LYS A 440 -26.62 -3.05 14.44
N SER A 441 -26.24 -3.54 13.25
CA SER A 441 -27.19 -3.85 12.20
C SER A 441 -28.04 -5.01 12.66
N GLU A 442 -27.49 -5.89 13.51
CA GLU A 442 -28.24 -7.03 14.00
C GLU A 442 -29.15 -6.57 15.15
N LYS A 443 -28.67 -5.58 15.94
CA LYS A 443 -29.44 -5.06 17.05
C LYS A 443 -30.70 -4.43 16.50
N LEU A 444 -30.52 -3.48 15.56
CA LEU A 444 -31.64 -2.78 14.94
C LEU A 444 -32.59 -3.74 14.25
N SER A 445 -32.05 -4.87 13.85
CA SER A 445 -32.77 -5.95 13.17
C SER A 445 -33.69 -6.68 14.14
N LYS A 446 -33.20 -6.93 15.36
CA LYS A 446 -33.97 -7.63 16.38
C LYS A 446 -35.31 -6.98 16.71
N MET A 447 -35.36 -5.64 16.82
CA MET A 447 -36.60 -4.95 17.11
C MET A 447 -37.58 -5.09 15.96
N LEU A 448 -37.09 -4.91 14.72
CA LEU A 448 -37.95 -5.02 13.54
C LEU A 448 -38.54 -6.43 13.49
N LYS A 449 -37.71 -7.46 13.76
CA LYS A 449 -38.19 -8.84 13.72
C LYS A 449 -39.11 -9.09 14.91
N LYS A 450 -38.75 -8.55 16.09
CA LYS A 450 -39.52 -8.71 17.30
C LYS A 450 -40.93 -8.22 17.02
N GLN A 451 -41.03 -7.07 16.34
CA GLN A 451 -42.32 -6.49 16.00
C GLN A 451 -43.00 -7.15 14.81
N GLY A 452 -42.24 -7.53 13.77
CA GLY A 452 -42.86 -8.17 12.62
C GLY A 452 -42.74 -7.50 11.27
N ILE A 453 -41.66 -6.75 11.03
CA ILE A 453 -41.51 -6.09 9.75
C ILE A 453 -40.29 -6.62 8.94
N LYS A 454 -40.55 -7.12 7.72
CA LYS A 454 -39.55 -7.66 6.81
C LYS A 454 -38.44 -6.70 6.34
N HIS A 455 -37.23 -7.24 6.18
CA HIS A 455 -36.03 -6.55 5.74
C HIS A 455 -34.87 -7.55 5.57
N GLN A 456 -33.74 -7.11 5.01
CA GLN A 456 -32.57 -7.97 4.81
C GLN A 456 -31.31 -7.34 5.38
N VAL A 457 -30.37 -8.15 5.88
CA VAL A 457 -29.14 -7.61 6.44
C VAL A 457 -27.92 -7.71 5.52
N LEU A 458 -27.39 -6.56 5.11
CA LEU A 458 -26.24 -6.46 4.24
C LEU A 458 -25.00 -6.18 5.08
N ASN A 459 -24.32 -7.24 5.53
CA ASN A 459 -23.12 -7.08 6.34
C ASN A 459 -21.80 -7.30 5.61
N ALA A 460 -21.42 -6.35 4.73
CA ALA A 460 -20.20 -6.37 3.92
C ALA A 460 -19.32 -7.62 4.05
N LYS A 461 -19.66 -8.67 3.29
CA LYS A 461 -18.94 -9.96 3.29
C LYS A 461 -18.97 -10.60 1.91
N GLN A 462 -20.14 -10.51 1.24
CA GLN A 462 -20.34 -11.08 -0.09
C GLN A 462 -20.93 -9.98 -0.93
N HIS A 463 -20.13 -8.94 -1.13
CA HIS A 463 -20.47 -7.75 -1.90
C HIS A 463 -21.32 -8.00 -3.14
N ASP A 464 -21.16 -9.14 -3.76
CA ASP A 464 -21.92 -9.47 -4.95
C ASP A 464 -23.34 -9.95 -4.60
N LYS A 465 -23.47 -10.98 -3.73
CA LYS A 465 -24.78 -11.46 -3.37
C LYS A 465 -25.56 -10.28 -2.84
N GLU A 466 -24.93 -9.52 -1.95
CA GLU A 466 -25.57 -8.36 -1.37
C GLU A 466 -25.82 -7.28 -2.41
N ALA A 467 -24.94 -7.17 -3.42
CA ALA A 467 -25.13 -6.16 -4.47
C ALA A 467 -26.49 -6.31 -5.11
N GLU A 468 -26.93 -7.57 -5.36
CA GLU A 468 -28.25 -7.73 -5.98
C GLU A 468 -29.34 -7.23 -5.03
N ILE A 469 -29.22 -7.64 -3.77
CA ILE A 469 -30.17 -7.25 -2.76
C ILE A 469 -30.37 -5.74 -2.70
N ILE A 470 -29.31 -4.96 -2.61
CA ILE A 470 -29.53 -3.53 -2.55
C ILE A 470 -30.19 -2.96 -3.77
N SER A 471 -29.99 -3.52 -4.95
CA SER A 471 -30.70 -2.88 -6.08
C SER A 471 -32.23 -3.02 -5.84
N LYS A 472 -32.64 -4.23 -5.54
CA LYS A 472 -34.05 -4.44 -5.30
C LYS A 472 -34.54 -3.55 -4.14
N ALA A 473 -33.69 -3.35 -3.14
CA ALA A 473 -33.96 -2.54 -1.95
C ALA A 473 -34.62 -1.23 -2.35
N GLY A 474 -34.04 -0.58 -3.35
CA GLY A 474 -34.57 0.70 -3.84
C GLY A 474 -36.04 0.73 -4.22
N LYS A 475 -36.63 -0.44 -4.49
CA LYS A 475 -38.06 -0.54 -4.89
C LYS A 475 -39.18 -0.78 -3.81
N LEU A 476 -40.46 -0.46 -4.19
CA LEU A 476 -41.70 -0.59 -3.40
C LEU A 476 -41.63 -0.69 -1.87
N ASP A 477 -42.10 -1.80 -1.29
CA ASP A 477 -42.06 -1.93 0.16
C ASP A 477 -40.85 -2.73 0.61
N ALA A 478 -39.70 -2.08 0.62
CA ALA A 478 -38.48 -2.76 1.04
C ALA A 478 -37.72 -2.03 2.12
N ILE A 479 -37.22 -2.78 3.10
CA ILE A 479 -36.46 -2.23 4.21
C ILE A 479 -35.07 -2.82 4.14
N THR A 480 -34.06 -2.01 3.84
CA THR A 480 -32.72 -2.59 3.78
C THR A 480 -31.71 -1.98 4.73
N ILE A 481 -31.25 -2.79 5.68
CA ILE A 481 -30.27 -2.34 6.66
C ILE A 481 -28.84 -2.73 6.30
N ALA A 482 -28.12 -1.79 5.66
CA ALA A 482 -26.74 -2.04 5.25
C ALA A 482 -25.72 -1.30 6.10
N THR A 483 -24.52 -1.90 6.22
CA THR A 483 -23.44 -1.30 6.99
C THR A 483 -22.87 -0.18 6.10
N ASN A 484 -21.85 0.55 6.53
CA ASN A 484 -21.36 1.60 5.65
C ASN A 484 -20.47 1.11 4.52
N MET A 485 -20.42 -0.21 4.30
CA MET A 485 -19.61 -0.78 3.24
C MET A 485 -20.37 -1.83 2.45
N ALA A 486 -21.67 -2.00 2.74
CA ALA A 486 -22.47 -2.99 2.02
C ALA A 486 -23.08 -2.39 0.76
N GLY A 487 -23.13 -3.17 -0.33
CA GLY A 487 -23.70 -2.70 -1.60
C GLY A 487 -23.33 -1.28 -1.91
N ARG A 488 -22.08 -1.06 -2.33
CA ARG A 488 -21.62 0.28 -2.65
C ARG A 488 -21.91 0.84 -4.03
N GLY A 489 -21.18 0.37 -5.05
CA GLY A 489 -21.39 0.87 -6.40
C GLY A 489 -22.72 0.54 -7.04
N THR A 490 -23.58 -0.23 -6.35
CA THR A 490 -24.87 -0.58 -6.92
C THR A 490 -25.81 0.63 -6.93
N ASP A 491 -26.79 0.66 -7.83
CA ASP A 491 -27.71 1.76 -7.88
C ASP A 491 -29.04 1.50 -7.23
N ILE A 492 -29.65 2.56 -6.71
CA ILE A 492 -30.93 2.47 -6.04
C ILE A 492 -31.99 2.94 -7.01
N SER A 493 -32.31 2.10 -8.01
CA SER A 493 -33.31 2.45 -8.98
C SER A 493 -34.72 2.30 -8.44
N LEU A 494 -35.47 3.41 -8.36
CA LEU A 494 -36.81 3.34 -7.85
C LEU A 494 -37.68 2.54 -8.81
N GLY A 495 -37.98 1.29 -8.45
CA GLY A 495 -38.79 0.46 -9.31
C GLY A 495 -38.09 -0.86 -9.51
N ALA A 496 -36.74 -0.83 -9.45
CA ALA A 496 -35.88 -1.99 -9.62
C ALA A 496 -35.93 -2.49 -11.05
N GLY A 497 -36.19 -1.58 -11.99
CA GLY A 497 -36.24 -1.98 -13.38
C GLY A 497 -37.59 -1.87 -14.04
N ASP A 498 -38.56 -1.32 -13.31
CA ASP A 498 -39.90 -1.17 -13.85
C ASP A 498 -40.37 0.28 -13.83
N LYS A 499 -41.01 0.72 -14.92
CA LYS A 499 -41.51 2.09 -15.00
C LYS A 499 -42.75 2.29 -14.14
N GLU A 500 -43.44 1.18 -13.82
CA GLU A 500 -44.63 1.22 -13.01
C GLU A 500 -44.26 1.61 -11.59
N GLU A 501 -43.50 0.74 -10.92
CA GLU A 501 -43.04 0.95 -9.56
C GLU A 501 -42.22 2.23 -9.53
N GLU A 502 -41.69 2.62 -10.69
CA GLU A 502 -40.87 3.81 -10.80
C GLU A 502 -41.70 5.00 -10.43
N GLN A 503 -42.83 5.21 -11.11
CA GLN A 503 -43.62 6.38 -10.72
C GLN A 503 -44.31 6.20 -9.38
N GLU A 504 -44.78 4.96 -9.06
CA GLU A 504 -45.45 4.70 -7.80
C GLU A 504 -44.54 5.15 -6.64
N VAL A 505 -43.29 4.67 -6.66
CA VAL A 505 -42.28 4.97 -5.66
C VAL A 505 -41.67 6.36 -5.89
N LYS A 506 -41.91 6.95 -7.06
CA LYS A 506 -41.39 8.27 -7.35
C LYS A 506 -42.32 9.28 -6.72
N ASP A 507 -43.64 9.01 -6.78
CA ASP A 507 -44.62 9.93 -6.21
C ASP A 507 -44.62 9.81 -4.70
N LEU A 508 -44.53 8.56 -4.21
CA LEU A 508 -44.51 8.25 -2.79
C LEU A 508 -43.40 9.03 -2.07
N GLY A 509 -42.49 9.69 -2.84
CA GLY A 509 -41.40 10.45 -2.24
C GLY A 509 -40.04 9.80 -2.17
N GLY A 510 -39.58 9.29 -3.31
CA GLY A 510 -38.27 8.64 -3.39
C GLY A 510 -37.98 7.50 -2.45
N LEU A 511 -36.72 7.48 -1.99
CA LEU A 511 -36.22 6.46 -1.08
C LEU A 511 -35.94 7.16 0.21
N TYR A 512 -36.08 6.47 1.32
CA TYR A 512 -35.81 7.16 2.58
C TYR A 512 -34.53 6.61 3.17
N VAL A 513 -33.73 7.47 3.77
CA VAL A 513 -32.46 7.07 4.36
C VAL A 513 -32.34 7.44 5.85
N ILE A 514 -32.05 6.45 6.70
CA ILE A 514 -31.92 6.72 8.13
C ILE A 514 -30.56 6.23 8.64
N GLY A 515 -29.68 7.13 9.12
CA GLY A 515 -28.38 6.68 9.63
C GLY A 515 -28.34 6.55 11.14
N THR A 516 -28.04 5.32 11.62
CA THR A 516 -27.94 5.00 13.05
C THR A 516 -27.13 6.02 13.87
N GLU A 517 -25.88 6.30 13.47
CA GLU A 517 -25.06 7.26 14.20
C GLU A 517 -24.28 8.17 13.24
N ARG A 518 -23.86 9.33 13.70
CA ARG A 518 -23.13 10.16 12.80
C ARG A 518 -21.76 9.49 12.58
N HIS A 519 -21.39 9.25 11.30
CA HIS A 519 -20.14 8.61 10.92
C HIS A 519 -18.83 9.27 11.30
N GLU A 520 -17.68 8.76 10.83
CA GLU A 520 -16.43 9.41 11.23
C GLU A 520 -16.12 10.70 10.47
N SER A 521 -17.00 11.08 9.54
CA SER A 521 -16.81 12.28 8.76
C SER A 521 -18.05 12.66 7.98
N ARG A 522 -18.15 13.95 7.63
CA ARG A 522 -19.27 14.45 6.88
C ARG A 522 -19.36 13.72 5.57
N ARG A 523 -18.20 13.37 5.04
CA ARG A 523 -18.05 12.66 3.80
C ARG A 523 -18.80 11.38 3.84
N ILE A 524 -18.41 10.46 4.79
CA ILE A 524 -19.10 9.18 4.90
C ILE A 524 -20.59 9.39 5.08
N ASP A 525 -21.01 10.32 5.96
CA ASP A 525 -22.45 10.57 6.14
C ASP A 525 -23.17 10.97 4.82
N ASN A 526 -22.69 11.99 4.10
CA ASN A 526 -23.35 12.38 2.88
C ASN A 526 -23.46 11.24 1.89
N GLN A 527 -22.70 10.19 2.11
CA GLN A 527 -22.70 9.02 1.22
C GLN A 527 -23.90 8.16 1.52
N LEU A 528 -24.46 8.28 2.71
CA LEU A 528 -25.64 7.50 3.02
C LEU A 528 -26.73 8.37 2.37
N ARG A 529 -26.65 9.69 2.67
CA ARG A 529 -27.56 10.74 2.15
C ARG A 529 -27.59 10.75 0.64
N GLY A 530 -26.41 10.47 0.01
CA GLY A 530 -26.29 10.45 -1.45
C GLY A 530 -26.94 9.34 -2.25
N ARG A 531 -27.09 8.16 -1.61
CA ARG A 531 -27.71 7.00 -2.25
C ARG A 531 -29.15 7.32 -2.72
N SER A 532 -29.75 8.40 -2.22
CA SER A 532 -31.10 8.79 -2.60
C SER A 532 -31.11 10.09 -3.37
N GLY A 533 -32.23 10.35 -4.05
CA GLY A 533 -32.38 11.57 -4.83
C GLY A 533 -31.37 11.83 -5.92
N ARG A 534 -31.21 10.86 -6.85
CA ARG A 534 -30.29 11.02 -7.94
C ARG A 534 -30.89 11.78 -9.11
N GLN A 535 -30.09 12.61 -9.79
CA GLN A 535 -30.55 13.39 -10.93
C GLN A 535 -31.83 14.14 -10.62
N GLY A 536 -32.99 13.49 -10.78
CA GLY A 536 -34.25 14.14 -10.50
C GLY A 536 -35.19 13.20 -9.79
N ASP A 537 -34.85 12.89 -8.53
CA ASP A 537 -35.66 11.98 -7.71
C ASP A 537 -35.93 12.53 -6.31
N PRO A 538 -37.17 12.46 -5.82
CA PRO A 538 -37.33 12.99 -4.46
C PRO A 538 -36.72 12.00 -3.46
N GLY A 539 -36.52 12.41 -2.20
CA GLY A 539 -35.93 11.50 -1.24
C GLY A 539 -35.68 12.19 0.07
N THR A 540 -35.53 11.41 1.12
CA THR A 540 -35.30 11.98 2.43
C THR A 540 -34.20 11.16 3.08
N SER A 541 -33.49 11.77 4.01
CA SER A 541 -32.41 11.15 4.75
C SER A 541 -32.35 11.86 6.12
N ARG A 542 -32.31 11.10 7.22
CA ARG A 542 -32.25 11.73 8.53
C ARG A 542 -31.29 10.94 9.39
N PHE A 543 -30.68 11.59 10.38
CA PHE A 543 -29.75 10.92 11.24
C PHE A 543 -30.23 10.81 12.65
N PHE A 544 -30.47 9.58 13.10
CA PHE A 544 -30.94 9.33 14.46
C PHE A 544 -29.78 9.22 15.45
N VAL A 545 -29.21 10.37 15.86
CA VAL A 545 -28.09 10.38 16.81
C VAL A 545 -28.47 10.20 18.29
N SER A 546 -27.48 9.94 19.12
CA SER A 546 -27.67 9.75 20.54
C SER A 546 -26.42 10.17 21.31
N LEU A 547 -26.58 10.59 22.56
CA LEU A 547 -25.47 11.01 23.39
C LEU A 547 -24.37 9.97 23.63
N GLU A 548 -24.70 8.66 23.84
CA GLU A 548 -23.62 7.70 24.06
C GLU A 548 -22.80 7.31 22.84
N ASP A 549 -23.21 7.70 21.62
CA ASP A 549 -22.42 7.33 20.44
C ASP A 549 -21.00 7.85 20.62
N ASP A 550 -20.03 6.94 20.54
CA ASP A 550 -18.60 7.21 20.68
C ASP A 550 -18.09 8.52 20.14
N VAL A 551 -18.40 8.83 18.87
CA VAL A 551 -17.96 10.09 18.27
C VAL A 551 -18.22 11.29 19.17
N ILE A 552 -19.34 11.27 19.91
CA ILE A 552 -19.69 12.36 20.80
C ILE A 552 -19.26 12.00 22.22
N LYS A 553 -19.44 10.73 22.60
CA LYS A 553 -19.08 10.22 23.91
C LYS A 553 -17.64 10.57 24.26
N LEU A 554 -16.70 10.37 23.32
CA LEU A 554 -15.30 10.67 23.56
C LEU A 554 -14.87 12.02 23.01
N TYR A 555 -15.34 12.36 21.81
CA TYR A 555 -14.96 13.64 21.20
C TYR A 555 -15.89 14.84 21.40
N GLY A 556 -16.93 14.70 22.21
CA GLY A 556 -17.84 15.81 22.43
C GLY A 556 -17.34 16.97 23.26
N GLY A 557 -16.86 16.69 24.48
CA GLY A 557 -16.37 17.77 25.33
C GLY A 557 -16.98 17.76 26.71
N LYS A 558 -16.97 18.93 27.38
CA LYS A 558 -17.54 19.04 28.72
C LYS A 558 -19.07 19.01 28.75
N THR A 559 -19.71 19.45 27.67
CA THR A 559 -21.16 19.47 27.58
C THR A 559 -21.84 18.11 27.67
N ILE A 560 -21.61 17.27 26.66
CA ILE A 560 -22.19 15.93 26.59
C ILE A 560 -21.97 15.20 27.90
N GLU A 561 -20.83 15.47 28.54
CA GLU A 561 -20.49 14.83 29.81
C GLU A 561 -21.50 15.16 30.89
N LYS A 562 -21.69 16.47 31.18
CA LYS A 562 -22.65 16.83 32.21
C LYS A 562 -24.07 16.38 31.85
N LEU A 563 -24.46 16.50 30.56
CA LEU A 563 -25.79 16.09 30.15
C LEU A 563 -25.95 14.59 30.35
N MET A 564 -24.91 13.83 30.00
CA MET A 564 -24.94 12.38 30.14
C MET A 564 -24.95 11.98 31.60
N LYS A 565 -24.26 12.76 32.42
CA LYS A 565 -24.19 12.49 33.86
C LYS A 565 -25.43 12.83 34.70
N ARG A 566 -26.06 14.00 34.46
CA ARG A 566 -27.26 14.47 35.17
C ARG A 566 -28.15 13.43 35.85
N THR A 567 -29.25 13.00 35.19
CA THR A 567 -30.14 12.02 35.80
C THR A 567 -30.88 11.17 34.76
N SER A 568 -32.20 11.43 34.58
CA SER A 568 -33.05 10.72 33.63
C SER A 568 -34.46 11.25 33.76
N SER A 569 -35.17 11.47 32.65
CA SER A 569 -36.53 11.98 32.74
C SER A 569 -37.47 11.61 31.59
N ASN A 570 -37.45 12.38 30.50
CA ASN A 570 -38.30 12.13 29.34
C ASN A 570 -37.96 10.92 28.45
N GLU A 571 -38.28 9.71 28.94
CA GLU A 571 -38.02 8.48 28.22
C GLU A 571 -38.64 8.52 26.82
N ASN A 572 -37.83 8.19 25.80
CA ASN A 572 -38.23 8.18 24.40
C ASN A 572 -38.46 9.58 23.81
N THR A 573 -38.10 10.63 24.56
CA THR A 573 -38.28 11.99 24.09
C THR A 573 -37.00 12.59 23.60
N ALA A 574 -36.94 12.83 22.32
CA ALA A 574 -35.75 13.41 21.65
C ALA A 574 -35.21 14.71 22.25
N ILE A 575 -33.92 15.05 21.95
CA ILE A 575 -33.30 16.27 22.48
C ILE A 575 -32.93 17.27 21.41
N GLU A 576 -32.68 18.52 21.81
CA GLU A 576 -32.31 19.62 20.91
C GLU A 576 -31.71 20.78 21.72
N SER A 577 -31.24 21.83 21.01
CA SER A 577 -30.61 23.07 21.54
C SER A 577 -29.52 23.52 20.59
N LYS A 578 -29.31 24.85 20.48
CA LYS A 578 -28.30 25.45 19.62
C LYS A 578 -26.96 24.89 20.09
N ALA A 579 -26.64 25.13 21.38
CA ALA A 579 -25.40 24.66 21.99
C ALA A 579 -25.19 23.16 21.81
N LEU A 580 -26.29 22.36 21.88
CA LEU A 580 -26.14 20.92 21.72
C LEU A 580 -25.55 20.56 20.35
N THR A 581 -26.04 21.22 19.27
CA THR A 581 -25.58 20.99 17.93
C THR A 581 -24.14 21.46 17.78
N ARG A 582 -23.83 22.63 18.35
CA ARG A 582 -22.50 23.23 18.32
C ARG A 582 -21.47 22.28 18.88
N ALA A 583 -21.92 21.40 19.75
CA ALA A 583 -21.08 20.40 20.40
C ALA A 583 -20.97 19.14 19.53
N ILE A 584 -22.11 18.71 18.96
CA ILE A 584 -22.19 17.53 18.09
C ILE A 584 -21.24 17.66 16.90
N GLU A 585 -21.13 18.87 16.31
CA GLU A 585 -20.25 19.07 15.16
C GLU A 585 -18.77 19.05 15.48
N ARG A 586 -18.37 19.61 16.63
CA ARG A 586 -16.98 19.64 17.04
C ARG A 586 -16.45 18.22 17.18
N ALA A 587 -17.32 17.35 17.69
CA ALA A 587 -17.01 15.93 17.91
C ALA A 587 -16.58 15.26 16.61
N GLN A 588 -17.29 15.53 15.51
CA GLN A 588 -16.96 14.95 14.22
C GLN A 588 -15.73 15.66 13.65
N LYS A 589 -15.68 17.02 13.67
CA LYS A 589 -14.50 17.69 13.14
C LYS A 589 -13.27 17.36 14.01
N GLY A 590 -13.53 16.80 15.19
CA GLY A 590 -12.49 16.43 16.14
C GLY A 590 -11.86 15.11 15.78
N VAL A 591 -12.64 14.20 15.24
CA VAL A 591 -12.12 12.91 14.85
C VAL A 591 -11.59 13.05 13.42
N GLU A 592 -11.91 14.21 12.82
CA GLU A 592 -11.53 14.61 11.48
C GLU A 592 -10.10 15.04 11.55
N GLY A 593 -9.81 15.86 12.58
CA GLY A 593 -8.47 16.38 12.81
C GLY A 593 -7.59 15.30 13.40
N LYS A 594 -8.21 14.43 14.24
CA LYS A 594 -7.49 13.35 14.88
C LYS A 594 -6.99 12.46 13.75
N ASN A 595 -7.86 12.15 12.80
CA ASN A 595 -7.46 11.33 11.69
C ASN A 595 -6.48 12.07 10.75
N PHE A 596 -6.66 13.40 10.58
CA PHE A 596 -5.80 14.18 9.72
C PHE A 596 -4.38 14.00 10.10
N GLU A 597 -4.11 14.08 11.40
CA GLU A 597 -2.77 13.91 11.93
C GLU A 597 -2.28 12.45 12.02
N ILE A 598 -3.19 11.45 12.08
CA ILE A 598 -2.67 10.09 12.16
C ILE A 598 -2.02 9.71 10.82
N ARG A 599 -2.47 10.35 9.72
CA ARG A 599 -1.91 10.06 8.40
C ARG A 599 -0.60 10.81 8.26
N LYS A 600 -0.53 11.99 8.89
CA LYS A 600 0.65 12.84 8.88
C LYS A 600 1.78 12.03 9.51
N ASN A 601 1.48 11.45 10.68
CA ASN A 601 2.45 10.62 11.42
C ASN A 601 2.48 9.16 11.00
N VAL A 602 2.33 8.93 9.69
CA VAL A 602 2.33 7.62 9.07
C VAL A 602 3.00 7.81 7.72
N LEU A 603 2.71 8.97 7.08
CA LEU A 603 3.28 9.30 5.79
C LEU A 603 4.76 9.62 5.96
N LYS A 604 5.10 10.41 7.00
CA LYS A 604 6.49 10.79 7.27
C LYS A 604 7.34 9.58 7.69
N TYR A 605 6.78 8.69 8.53
CA TYR A 605 7.51 7.51 8.98
C TYR A 605 7.77 6.58 7.78
N ASP A 606 7.05 6.81 6.68
CA ASP A 606 7.18 6.01 5.47
C ASP A 606 8.18 6.68 4.55
N ASP A 607 8.25 8.04 4.56
CA ASP A 607 9.19 8.76 3.71
C ASP A 607 10.60 8.25 3.97
N THR A 608 10.95 8.12 5.25
CA THR A 608 12.24 7.64 5.72
C THR A 608 12.58 6.28 5.12
N ILE A 609 11.61 5.36 5.13
CA ILE A 609 11.78 4.02 4.59
C ILE A 609 11.60 4.04 3.07
N ASN A 610 10.96 5.09 2.57
CA ASN A 610 10.71 5.25 1.13
C ASN A 610 11.94 5.72 0.44
N GLU A 611 12.81 6.47 1.14
CA GLU A 611 14.01 6.92 0.47
C GLU A 611 14.95 5.74 0.39
N GLN A 612 14.94 4.92 1.45
CA GLN A 612 15.76 3.72 1.55
C GLN A 612 15.28 2.74 0.49
N ARG A 613 14.04 2.27 0.63
CA ARG A 613 13.41 1.33 -0.28
C ARG A 613 13.58 1.83 -1.71
N LYS A 614 13.77 3.13 -1.88
CA LYS A 614 13.92 3.65 -3.22
C LYS A 614 15.22 3.22 -3.82
N VAL A 615 16.35 3.38 -3.07
CA VAL A 615 17.61 2.96 -3.63
C VAL A 615 17.77 1.48 -3.62
N ILE A 616 17.51 0.82 -2.48
CA ILE A 616 17.64 -0.64 -2.45
C ILE A 616 16.99 -1.30 -3.65
N TYR A 617 15.95 -0.65 -4.18
CA TYR A 617 15.18 -1.09 -5.32
C TYR A 617 15.83 -0.75 -6.65
N ASN A 618 16.34 0.53 -6.87
CA ASN A 618 16.97 0.83 -8.16
C ASN A 618 18.20 -0.05 -8.31
N GLU A 619 19.02 -0.09 -7.25
CA GLU A 619 20.24 -0.86 -7.16
C GLU A 619 19.97 -2.36 -7.12
N ARG A 620 18.71 -2.73 -7.34
CA ARG A 620 18.21 -4.08 -7.36
C ARG A 620 17.71 -4.36 -8.77
N ASN A 621 17.18 -3.31 -9.41
CA ASN A 621 16.67 -3.40 -10.77
C ASN A 621 17.81 -3.40 -11.76
N LYS A 622 18.97 -2.81 -11.38
CA LYS A 622 20.13 -2.76 -12.28
C LYS A 622 20.47 -4.19 -12.69
N VAL A 623 20.66 -5.03 -11.68
CA VAL A 623 21.00 -6.44 -11.82
C VAL A 623 20.03 -7.18 -12.73
N LEU A 624 18.74 -6.98 -12.52
CA LEU A 624 17.69 -7.63 -13.30
C LEU A 624 17.62 -7.25 -14.79
N ASN A 625 17.74 -5.96 -15.14
CA ASN A 625 17.67 -5.59 -16.55
C ASN A 625 19.08 -5.48 -17.15
N ASP A 626 19.92 -6.47 -16.83
CA ASP A 626 21.30 -6.56 -17.30
C ASP A 626 22.11 -5.28 -17.43
N GLU A 627 22.04 -4.41 -16.40
CA GLU A 627 22.79 -3.16 -16.44
C GLU A 627 24.17 -3.45 -15.88
N ASP A 628 25.20 -2.82 -16.43
CA ASP A 628 26.56 -3.06 -15.95
C ASP A 628 26.83 -2.74 -14.49
N ILE A 629 27.32 -3.73 -13.72
CA ILE A 629 27.60 -3.50 -12.31
C ILE A 629 29.08 -3.52 -11.92
N GLN A 630 29.98 -3.69 -12.90
CA GLN A 630 31.40 -3.72 -12.69
C GLN A 630 31.95 -2.45 -12.06
N GLU A 631 31.64 -1.25 -12.61
CA GLU A 631 32.16 -0.03 -12.00
C GLU A 631 31.65 0.18 -10.57
N ASP A 632 30.45 -0.35 -10.28
CA ASP A 632 29.82 -0.25 -8.98
C ASP A 632 30.38 -1.26 -8.01
N ILE A 633 30.58 -2.53 -8.44
CA ILE A 633 31.13 -3.48 -7.48
C ILE A 633 32.51 -3.00 -7.13
N GLN A 634 33.25 -2.60 -8.16
CA GLN A 634 34.59 -2.12 -7.93
C GLN A 634 34.60 -0.91 -7.07
N LYS A 635 33.54 -0.11 -7.16
CA LYS A 635 33.42 1.11 -6.37
C LYS A 635 33.30 0.70 -4.91
N MET A 636 32.37 -0.22 -4.61
CA MET A 636 32.23 -0.64 -3.23
C MET A 636 33.46 -1.37 -2.74
N VAL A 637 34.17 -2.06 -3.65
CA VAL A 637 35.37 -2.78 -3.24
C VAL A 637 36.34 -1.70 -2.70
N LYS A 638 36.54 -0.61 -3.49
CA LYS A 638 37.42 0.48 -3.10
C LYS A 638 36.89 1.03 -1.79
N ASP A 639 35.55 1.17 -1.67
CA ASP A 639 34.94 1.68 -0.45
C ASP A 639 35.39 0.89 0.77
N ILE A 640 35.30 -0.46 0.74
CA ILE A 640 35.72 -1.28 1.86
C ILE A 640 37.11 -0.87 2.30
N ILE A 641 38.03 -0.73 1.34
CA ILE A 641 39.39 -0.34 1.66
C ILE A 641 39.50 1.07 2.16
N GLN A 642 38.82 2.05 1.52
CA GLN A 642 38.96 3.41 2.05
C GLN A 642 38.57 3.44 3.52
N GLU A 643 37.68 2.51 3.92
CA GLU A 643 37.19 2.38 5.30
C GLU A 643 38.26 1.78 6.17
N ALA A 644 38.89 0.70 5.66
CA ALA A 644 39.95 0.04 6.41
C ALA A 644 40.98 1.12 6.75
N GLY A 645 41.10 2.08 5.80
CA GLY A 645 42.03 3.19 5.97
C GLY A 645 41.73 3.97 7.22
N GLU A 646 40.54 4.58 7.29
CA GLU A 646 40.20 5.35 8.47
C GLU A 646 40.21 4.54 9.77
N THR A 647 39.86 3.25 9.73
CA THR A 647 39.85 2.43 10.93
C THR A 647 41.21 2.14 11.48
N TYR A 648 41.94 1.18 10.85
CA TYR A 648 43.26 0.83 11.35
C TYR A 648 44.32 1.63 10.79
N LEU A 649 44.25 1.95 9.50
CA LEU A 649 45.34 2.75 8.98
C LEU A 649 45.52 4.01 9.80
N ILE A 650 44.62 4.98 9.61
CA ILE A 650 44.64 6.27 10.30
C ILE A 650 44.08 6.17 11.71
N GLY A 651 42.86 5.61 11.82
CA GLY A 651 42.20 5.45 13.12
C GLY A 651 43.10 5.12 14.28
N ARG A 652 43.39 3.82 14.49
CA ARG A 652 44.26 3.50 15.61
C ARG A 652 45.58 4.27 15.44
N LYS A 653 46.22 4.21 14.23
CA LYS A 653 47.47 4.90 13.91
C LYS A 653 48.29 4.41 12.73
N ARG A 654 48.32 3.09 12.53
CA ARG A 654 49.03 2.36 11.49
C ARG A 654 49.16 0.90 11.88
N ASP A 655 48.10 0.31 12.44
CA ASP A 655 48.10 -1.08 12.87
C ASP A 655 48.08 -1.98 11.65
N TYR A 656 49.27 -2.25 11.08
CA TYR A 656 49.37 -3.10 9.90
C TYR A 656 48.84 -4.48 10.16
N TYR A 657 49.12 -5.05 11.33
CA TYR A 657 48.61 -6.39 11.60
C TYR A 657 47.08 -6.39 11.59
N GLY A 658 46.46 -5.35 12.17
CA GLY A 658 45.00 -5.29 12.17
C GLY A 658 44.39 -5.05 10.80
N TYR A 659 44.88 -4.02 10.08
CA TYR A 659 44.44 -3.63 8.75
C TYR A 659 44.36 -4.86 7.88
N PHE A 660 45.44 -5.61 7.86
CA PHE A 660 45.56 -6.83 7.09
C PHE A 660 44.62 -7.87 7.63
N LYS A 661 44.46 -7.94 8.96
CA LYS A 661 43.56 -8.95 9.50
C LYS A 661 42.15 -8.61 9.04
N HIS A 662 41.84 -7.29 8.96
CA HIS A 662 40.53 -6.86 8.52
C HIS A 662 40.22 -7.26 7.10
N LEU A 663 41.21 -7.11 6.19
CA LEU A 663 40.99 -7.48 4.81
C LEU A 663 41.02 -8.93 4.60
N TYR A 664 41.80 -9.65 5.41
CA TYR A 664 41.82 -11.11 5.23
C TYR A 664 40.50 -11.55 5.77
N SER A 665 40.07 -10.85 6.85
CA SER A 665 38.81 -11.12 7.52
C SER A 665 37.64 -10.87 6.54
N THR A 666 37.63 -9.72 5.92
CA THR A 666 36.64 -9.28 4.97
C THR A 666 36.54 -10.01 3.62
N PHE A 667 37.55 -9.86 2.71
CA PHE A 667 37.52 -10.50 1.40
C PHE A 667 38.82 -10.95 0.78
N MET A 668 39.97 -10.33 1.11
CA MET A 668 41.23 -10.77 0.52
C MET A 668 41.52 -12.25 0.83
N PRO A 669 42.28 -12.94 -0.03
CA PRO A 669 42.55 -14.36 0.24
C PRO A 669 43.30 -14.78 1.52
N ALA A 670 44.45 -15.47 1.37
CA ALA A 670 45.23 -15.92 2.53
C ALA A 670 46.61 -15.28 2.62
N ASP A 671 47.35 -15.27 1.50
CA ASP A 671 48.68 -14.68 1.43
C ASP A 671 48.65 -13.83 0.18
N THR A 672 48.54 -12.50 0.32
CA THR A 672 48.50 -11.69 -0.89
C THR A 672 49.01 -10.27 -0.72
N LEU A 673 48.36 -9.52 0.16
CA LEU A 673 48.77 -8.14 0.40
C LEU A 673 50.11 -7.94 1.06
N LEU A 674 51.17 -8.05 0.26
CA LEU A 674 52.54 -7.89 0.73
C LEU A 674 53.01 -6.64 -0.01
N ILE A 675 53.22 -5.55 0.73
CA ILE A 675 53.66 -4.33 0.07
C ILE A 675 54.88 -3.65 0.69
N PRO A 676 55.93 -3.39 -0.12
CA PRO A 676 57.07 -2.73 0.50
C PRO A 676 56.78 -1.23 0.63
N GLY A 677 57.60 -0.49 1.39
CA GLY A 677 57.37 0.95 1.54
C GLY A 677 56.73 1.33 2.86
N VAL A 678 55.46 0.94 3.04
CA VAL A 678 54.69 1.19 4.25
C VAL A 678 54.98 2.44 5.11
N ASP A 679 56.15 2.49 5.78
CA ASP A 679 56.53 3.63 6.62
C ASP A 679 56.84 4.84 5.76
N LYS A 680 57.46 4.59 4.62
CA LYS A 680 57.82 5.64 3.67
C LYS A 680 56.55 6.13 3.00
N LYS A 681 55.58 5.22 2.85
CA LYS A 681 54.32 5.62 2.20
C LYS A 681 53.17 6.14 3.07
N SER A 682 52.25 6.91 2.45
CA SER A 682 51.10 7.49 3.15
C SER A 682 49.82 6.68 2.95
N VAL A 683 48.81 6.97 3.79
CA VAL A 683 47.50 6.29 3.76
C VAL A 683 46.98 6.01 2.35
N GLN A 684 46.80 7.07 1.56
CA GLN A 684 46.31 6.94 0.20
C GLN A 684 47.11 5.98 -0.63
N GLU A 685 48.43 6.18 -0.67
CA GLU A 685 49.30 5.32 -1.45
C GLU A 685 49.19 3.88 -1.01
N ILE A 686 49.10 3.65 0.31
CA ILE A 686 49.00 2.30 0.85
C ILE A 686 47.71 1.65 0.36
N ILE A 687 46.62 2.44 0.28
CA ILE A 687 45.32 1.98 -0.17
C ILE A 687 45.34 1.76 -1.67
N ASP A 688 46.04 2.62 -2.43
CA ASP A 688 46.11 2.49 -3.89
C ASP A 688 46.76 1.13 -4.20
N SER A 689 47.74 0.78 -3.38
CA SER A 689 48.50 -0.45 -3.46
C SER A 689 47.60 -1.61 -3.10
N THR A 690 46.97 -1.56 -1.93
CA THR A 690 46.08 -2.63 -1.49
C THR A 690 45.05 -2.89 -2.58
N TYR A 691 44.61 -1.82 -3.25
CA TYR A 691 43.63 -1.94 -4.31
C TYR A 691 44.18 -2.53 -5.59
N GLU A 692 45.42 -2.20 -5.97
CA GLU A 692 46.00 -2.74 -7.19
C GLU A 692 46.19 -4.24 -6.96
N ILE A 693 46.55 -4.59 -5.71
CA ILE A 693 46.76 -5.97 -5.31
C ILE A 693 45.43 -6.67 -5.56
N SER A 694 44.32 -5.96 -5.26
CA SER A 694 42.96 -6.48 -5.45
C SER A 694 42.57 -6.55 -6.92
N LYS A 695 42.96 -5.55 -7.74
CA LYS A 695 42.61 -5.57 -9.15
C LYS A 695 43.22 -6.82 -9.73
N ARG A 696 44.42 -7.17 -9.28
CA ARG A 696 45.12 -8.36 -9.75
C ARG A 696 44.36 -9.61 -9.36
N VAL A 697 43.93 -9.68 -8.09
CA VAL A 697 43.19 -10.83 -7.58
C VAL A 697 42.02 -11.12 -8.51
N TYR A 698 41.32 -10.06 -8.96
CA TYR A 698 40.19 -10.25 -9.85
C TYR A 698 40.62 -10.69 -11.24
N ASP A 699 41.83 -10.27 -11.69
CA ASP A 699 42.32 -10.66 -13.02
C ASP A 699 42.57 -12.15 -12.98
N LEU A 700 43.04 -12.66 -11.82
CA LEU A 700 43.30 -14.08 -11.70
C LEU A 700 41.97 -14.80 -11.85
N LYS A 701 40.93 -14.21 -11.28
CA LYS A 701 39.57 -14.74 -11.33
C LYS A 701 39.03 -14.72 -12.80
N LYS A 702 39.05 -13.53 -13.45
CA LYS A 702 38.56 -13.42 -14.82
C LYS A 702 39.31 -14.34 -15.76
N MET A 703 40.67 -14.31 -15.71
CA MET A 703 41.48 -15.16 -16.57
C MET A 703 41.25 -16.65 -16.31
N MET A 704 40.96 -17.02 -15.07
CA MET A 704 40.74 -18.43 -14.82
C MET A 704 39.26 -18.83 -14.82
N LEU A 705 38.35 -17.87 -15.10
CA LEU A 705 36.93 -18.25 -15.07
C LEU A 705 36.18 -17.76 -16.30
N GLY A 706 36.67 -16.67 -16.83
CA GLY A 706 36.08 -16.05 -18.00
C GLY A 706 35.28 -14.86 -17.57
N ILE A 707 35.72 -13.70 -18.05
CA ILE A 707 35.14 -12.40 -17.81
C ILE A 707 33.60 -12.49 -17.77
N ASP A 708 32.99 -13.32 -18.67
CA ASP A 708 31.55 -13.50 -18.73
C ASP A 708 31.01 -14.10 -17.42
N LYS A 709 31.57 -15.22 -16.94
CA LYS A 709 31.05 -15.79 -15.69
C LYS A 709 31.35 -14.84 -14.56
N VAL A 710 32.45 -14.11 -14.71
CA VAL A 710 32.85 -13.15 -13.69
C VAL A 710 31.78 -12.08 -13.57
N ALA A 711 31.28 -11.56 -14.68
CA ALA A 711 30.26 -10.55 -14.61
C ALA A 711 28.90 -11.22 -14.25
N GLU A 712 28.54 -12.28 -14.93
CA GLU A 712 27.30 -13.02 -14.69
C GLU A 712 27.18 -13.34 -13.18
N LEU A 713 28.31 -13.73 -12.59
CA LEU A 713 28.38 -14.06 -11.18
C LEU A 713 28.31 -12.81 -10.34
N GLU A 714 28.79 -11.70 -10.88
CA GLU A 714 28.77 -10.43 -10.15
C GLU A 714 27.33 -10.12 -9.76
N LYS A 715 26.39 -10.23 -10.73
CA LYS A 715 24.99 -9.98 -10.51
C LYS A 715 24.42 -11.07 -9.60
N THR A 716 24.59 -12.40 -9.93
CA THR A 716 24.03 -13.42 -9.03
C THR A 716 24.20 -13.17 -7.53
N VAL A 717 25.40 -12.77 -7.08
CA VAL A 717 25.56 -12.53 -5.65
C VAL A 717 25.21 -11.12 -5.18
N LEU A 718 25.39 -10.02 -6.00
CA LEU A 718 25.02 -8.70 -5.50
C LEU A 718 23.51 -8.73 -5.12
N LEU A 719 22.67 -9.02 -6.12
CA LEU A 719 21.26 -9.11 -5.96
C LEU A 719 20.93 -10.06 -4.82
N LYS A 720 21.41 -11.34 -4.85
CA LYS A 720 21.07 -12.20 -3.74
C LYS A 720 21.35 -11.62 -2.35
N VAL A 721 22.54 -11.07 -2.06
CA VAL A 721 22.70 -10.55 -0.70
C VAL A 721 21.78 -9.36 -0.42
N VAL A 722 21.48 -8.45 -1.42
CA VAL A 722 20.60 -7.34 -1.09
C VAL A 722 19.31 -7.83 -0.42
N ASP A 723 18.66 -8.83 -1.00
CA ASP A 723 17.43 -9.43 -0.51
C ASP A 723 17.54 -9.91 0.91
N GLN A 724 18.55 -10.74 1.18
CA GLN A 724 18.77 -11.27 2.52
C GLN A 724 18.89 -10.20 3.59
N TYR A 725 19.77 -9.24 3.36
CA TYR A 725 19.99 -8.16 4.31
C TYR A 725 18.93 -7.06 4.26
N TRP A 726 18.21 -6.92 3.12
CA TRP A 726 17.19 -5.88 3.03
C TRP A 726 15.97 -6.25 3.82
N ILE A 727 15.36 -7.41 3.54
CA ILE A 727 14.17 -7.81 4.29
C ILE A 727 14.41 -7.73 5.79
N ASP A 728 15.56 -8.24 6.26
CA ASP A 728 15.90 -8.21 7.67
C ASP A 728 16.00 -6.77 8.16
N HIS A 729 16.54 -5.81 7.33
CA HIS A 729 16.67 -4.38 7.72
C HIS A 729 15.29 -3.80 7.80
N ILE A 730 14.35 -4.23 6.90
CA ILE A 730 13.01 -3.70 6.97
C ILE A 730 12.30 -4.12 8.27
N ASP A 731 12.21 -5.45 8.55
CA ASP A 731 11.56 -5.94 9.74
C ASP A 731 12.17 -5.25 10.92
N ALA A 732 13.46 -5.10 10.91
CA ALA A 732 14.12 -4.44 12.02
C ALA A 732 13.86 -2.97 12.07
N MET A 733 13.62 -2.33 10.91
CA MET A 733 13.36 -0.91 10.96
C MET A 733 11.99 -0.72 11.62
N GLU A 734 11.11 -1.73 11.49
CA GLU A 734 9.79 -1.67 12.09
C GLU A 734 9.92 -1.77 13.60
N GLN A 735 10.71 -2.75 14.07
CA GLN A 735 10.91 -2.94 15.50
C GLN A 735 11.47 -1.66 16.11
N LEU A 736 12.21 -0.89 15.30
CA LEU A 736 12.81 0.36 15.74
C LEU A 736 11.72 1.35 16.09
N LYS A 737 10.67 1.39 15.25
CA LYS A 737 9.55 2.29 15.49
C LYS A 737 8.87 1.94 16.80
N GLN A 738 8.56 0.65 17.00
CA GLN A 738 7.92 0.19 18.21
C GLN A 738 8.74 0.53 19.46
N TYR A 739 10.06 0.52 19.32
CA TYR A 739 10.98 0.83 20.42
C TYR A 739 10.94 2.32 20.80
N ILE A 740 10.68 3.22 19.83
CA ILE A 740 10.64 4.64 20.15
C ILE A 740 9.46 4.95 21.06
N GLY A 741 8.41 4.12 20.97
CA GLY A 741 7.21 4.31 21.79
C GLY A 741 7.48 4.48 23.27
N LEU A 742 8.47 3.76 23.79
CA LEU A 742 8.82 3.83 25.20
C LEU A 742 9.76 5.00 25.49
N LYS A 743 9.59 6.13 24.77
CA LYS A 743 10.43 7.31 24.95
C LYS A 743 9.64 8.60 24.83
N SER A 744 10.30 9.74 25.12
CA SER A 744 9.69 11.06 25.05
C SER A 744 10.72 12.15 25.37
N TYR A 745 11.42 12.01 26.52
CA TYR A 745 12.44 12.95 26.97
C TYR A 745 11.94 14.40 27.10
N ALA A 746 12.86 15.34 27.31
CA ALA A 746 12.51 16.76 27.46
C ALA A 746 11.88 17.34 26.19
N GLN A 747 12.62 17.38 25.09
CA GLN A 747 12.12 17.91 23.83
C GLN A 747 12.59 17.09 22.64
N LYS A 748 12.87 15.80 22.87
CA LYS A 748 13.33 14.91 21.82
C LYS A 748 12.22 14.30 20.98
N ASP A 749 11.97 14.90 19.80
CA ASP A 749 10.94 14.43 18.88
C ASP A 749 11.07 12.94 18.59
N PRO A 750 9.97 12.18 18.81
CA PRO A 750 10.05 10.74 18.54
C PRO A 750 10.43 10.40 17.11
N PHE A 751 10.15 11.31 16.17
CA PHE A 751 10.48 11.08 14.77
C PHE A 751 11.97 11.33 14.53
N LYS A 752 12.49 12.46 15.05
CA LYS A 752 13.89 12.85 14.90
C LYS A 752 14.84 11.68 15.18
N GLU A 753 14.70 11.07 16.36
CA GLU A 753 15.52 9.94 16.80
C GLU A 753 15.47 8.82 15.78
N TYR A 754 14.25 8.45 15.40
CA TYR A 754 13.99 7.39 14.44
C TYR A 754 14.75 7.61 13.14
N ALA A 755 14.91 8.88 12.71
CA ALA A 755 15.63 9.19 11.48
C ALA A 755 17.12 8.90 11.61
N LEU A 756 17.76 9.39 12.70
CA LEU A 756 19.18 9.20 12.96
C LEU A 756 19.48 7.73 13.12
N GLU A 757 18.76 7.08 14.04
CA GLU A 757 18.94 5.65 14.30
C GLU A 757 18.52 4.84 13.10
N GLY A 758 18.05 5.53 12.05
CA GLY A 758 17.62 4.85 10.84
C GLY A 758 18.58 5.16 9.72
N TYR A 759 19.30 6.28 9.86
CA TYR A 759 20.28 6.73 8.88
C TYR A 759 21.48 5.81 8.97
N ASP A 760 22.10 5.75 10.16
CA ASP A 760 23.27 4.91 10.38
C ASP A 760 22.86 3.47 10.22
N MET A 761 21.59 3.15 10.55
CA MET A 761 21.13 1.78 10.41
C MET A 761 21.15 1.43 8.93
N PHE A 762 20.92 2.44 8.07
CA PHE A 762 20.94 2.19 6.64
C PHE A 762 22.41 1.94 6.21
N GLU A 763 23.35 2.73 6.75
CA GLU A 763 24.76 2.62 6.45
C GLU A 763 25.24 1.28 6.90
N ALA A 764 24.72 0.78 8.00
CA ALA A 764 25.13 -0.54 8.51
C ALA A 764 24.65 -1.61 7.52
N LEU A 765 23.41 -1.44 6.99
CA LEU A 765 22.80 -2.34 6.04
C LEU A 765 23.57 -2.36 4.75
N ASN A 766 23.82 -1.18 4.20
CA ASN A 766 24.58 -1.06 2.95
C ASN A 766 25.95 -1.71 3.13
N LYS A 767 26.62 -1.44 4.26
CA LYS A 767 27.93 -2.00 4.55
C LYS A 767 27.87 -3.51 4.57
N ASN A 768 26.84 -4.07 5.24
CA ASN A 768 26.66 -5.51 5.33
C ASN A 768 26.54 -6.07 3.93
N ILE A 769 26.33 -5.19 2.95
CA ILE A 769 26.21 -5.58 1.54
C ILE A 769 27.56 -5.44 0.87
N ARG A 770 28.22 -4.29 1.08
CA ARG A 770 29.52 -4.01 0.50
C ARG A 770 30.43 -5.18 0.82
N GLU A 771 30.69 -5.40 2.12
CA GLU A 771 31.52 -6.44 2.68
C GLU A 771 31.01 -7.83 2.40
N ALA A 772 29.83 -7.95 1.82
CA ALA A 772 29.29 -9.27 1.53
C ALA A 772 29.33 -9.65 0.06
N THR A 773 29.14 -8.67 -0.84
CA THR A 773 29.17 -9.00 -2.25
C THR A 773 30.58 -9.42 -2.50
N VAL A 774 31.50 -8.51 -2.12
CA VAL A 774 32.90 -8.76 -2.29
C VAL A 774 33.42 -10.05 -1.71
N GLN A 775 33.11 -10.31 -0.47
CA GLN A 775 33.58 -11.55 0.14
C GLN A 775 33.30 -12.75 -0.77
N TYR A 776 32.08 -12.79 -1.28
CA TYR A 776 31.71 -13.87 -2.14
C TYR A 776 32.36 -13.79 -3.47
N LEU A 777 32.64 -12.57 -3.90
CA LEU A 777 33.26 -12.40 -5.17
C LEU A 777 34.77 -12.62 -5.20
N TYR A 778 35.47 -12.42 -4.07
CA TYR A 778 36.90 -12.62 -4.05
C TYR A 778 37.47 -13.68 -3.11
N LYS A 779 37.18 -13.58 -1.82
CA LYS A 779 37.65 -14.51 -0.79
C LYS A 779 37.78 -15.96 -1.14
N PHE A 780 36.87 -16.52 -1.93
CA PHE A 780 37.01 -17.94 -2.24
C PHE A 780 36.71 -18.29 -3.69
N ASN A 781 37.66 -18.94 -4.38
CA ASN A 781 37.53 -19.35 -5.77
C ASN A 781 38.83 -19.97 -6.27
PG AGS B . -19.65 4.66 -8.56
S1G AGS B . -19.19 3.56 -10.05
O2G AGS B . -18.52 5.60 -8.14
O3G AGS B . -20.42 3.91 -7.46
PB AGS B . -21.84 6.44 -9.28
O1B AGS B . -22.62 5.94 -8.07
O2B AGS B . -21.38 7.89 -9.34
O3B AGS B . -20.65 5.40 -9.55
PA AGS B . -22.86 4.77 -11.25
O1A AGS B . -21.88 4.64 -12.41
O2A AGS B . -22.71 3.70 -10.17
O3A AGS B . -22.73 6.19 -10.55
O5' AGS B . -24.31 4.71 -11.82
C5' AGS B . -24.55 3.59 -12.55
C4' AGS B . -25.98 3.51 -13.00
O4' AGS B . -26.30 4.70 -13.76
C3' AGS B . -26.16 2.31 -13.92
O3' AGS B . -27.44 1.74 -13.84
C2' AGS B . -25.96 2.92 -15.28
O2' AGS B . -26.75 2.20 -16.21
C1' AGS B . -26.56 4.31 -15.09
N9 AGS B . -26.07 5.33 -15.98
C8 AGS B . -24.95 6.09 -15.84
N7 AGS B . -24.80 6.98 -16.87
C5 AGS B . -25.86 6.75 -17.64
C6 AGS B . -26.28 7.37 -18.81
N6 AGS B . -25.59 8.39 -19.31
N1 AGS B . -27.39 6.93 -19.45
C2 AGS B . -28.05 5.90 -18.90
N3 AGS B . -27.73 5.26 -17.77
C4 AGS B . -26.63 5.74 -17.14
H5'1 AGS B . -24.31 2.70 -11.95
H5'2 AGS B . -23.90 3.56 -13.44
H4' AGS B . -26.61 3.37 -12.14
H3' AGS B . -25.42 1.52 -13.76
HO3' AGS B . -28.20 2.51 -13.82
H2' AGS B . -24.95 2.94 -15.59
HO2' AGS B . -26.69 2.65 -17.21
H1' AGS B . -27.66 4.22 -15.20
H8 AGS B . -24.27 5.97 -15.00
HN61 AGS B . -25.93 8.82 -20.15
HN62 AGS B . -24.80 8.71 -18.90
H2 AGS B . -28.97 5.56 -19.41
#